data_5YK7
#
_entry.id   5YK7
#
_cell.length_a   87.560
_cell.length_b   87.560
_cell.length_c   436.880
_cell.angle_alpha   90.00
_cell.angle_beta   90.00
_cell.angle_gamma   120.00
#
_symmetry.space_group_name_H-M   'P 65'
#
loop_
_entity.id
_entity.type
_entity.pdbx_description
1 polymer 'Maintenance of mitochondrial morphology protein 1'
2 polymer 'Mitochondrial distribution and morphology protein 12'
3 non-polymer 'PHOSPHATE ION'
#
loop_
_entity_poly.entity_id
_entity_poly.type
_entity_poly.pdbx_seq_one_letter_code
_entity_poly.pdbx_strand_id
1 'polypeptide(L)'
;NDDENERSRQIDDILEKTYYNVDTHPAESLDWFNVLIGQTIQQLREEAWKKDNIVYSLNAFIERKAQELPSYLDSIKITE
LDIGHDFPIFSNCRIQYSPNSNGRKLEAKIDIDLNDRLAVGIETRLLLNYPKPLTASLPINVTVSIIRFQACLTVSLTKA
EEFVPTSPESVDEDDNDGYFLMFSFAPEYRMEFETQSLIGARSKLENIPKIGSLVEYQIKKWFVERCVEPRFQFIKLPSV
WPRSKNTREGKADVD
;
A,C
2 'polypeptide(L)'
;MSFDINWSTLESDNRLNDLIRKHLNSYLQNTQLPSYVSNLRVLDFDLGKVGPAITLKEITDPLDEFYDSIREEGGSGGSP
NDIQFLLEVEYKGDLLVTIGADLVLNYPVEKFMTLPVKLSISDIGLHSLCIVACLSKQLFLSFLCDGGSIVRSMKIETEI
GEQYQGQGSVLRSVGELEQFLFTIFKDFLRKELAWPSWINLDFNDGDE
;
B,D
#
# COMPACT_ATOMS: atom_id res chain seq x y z
N ASN A 5 5.81 14.72 -27.67
CA ASN A 5 5.12 15.98 -27.93
C ASN A 5 4.44 16.49 -26.67
N GLU A 6 3.12 16.26 -26.60
CA GLU A 6 2.36 16.70 -25.44
C GLU A 6 2.82 16.02 -24.15
N ARG A 7 3.45 14.86 -24.25
CA ARG A 7 4.02 14.20 -23.09
C ARG A 7 5.16 15.03 -22.51
N SER A 8 6.15 15.34 -23.36
CA SER A 8 7.23 16.24 -22.95
C SER A 8 6.69 17.57 -22.48
N ARG A 9 5.61 18.05 -23.10
CA ARG A 9 4.95 19.26 -22.63
C ARG A 9 4.46 19.11 -21.19
N GLN A 10 3.86 17.96 -20.87
CA GLN A 10 3.39 17.73 -19.51
C GLN A 10 4.54 17.68 -18.52
N ILE A 11 5.63 16.99 -18.88
CA ILE A 11 6.80 16.98 -18.01
C ILE A 11 7.33 18.40 -17.80
N ASP A 12 7.28 19.23 -18.85
CA ASP A 12 7.67 20.63 -18.70
C ASP A 12 6.73 21.37 -17.76
N ASP A 13 5.44 21.05 -17.81
CA ASP A 13 4.49 21.67 -16.87
C ASP A 13 4.84 21.29 -15.44
N ILE A 14 5.13 20.01 -15.20
CA ILE A 14 5.53 19.57 -13.86
C ILE A 14 6.78 20.32 -13.40
N LEU A 15 7.84 20.29 -14.22
CA LEU A 15 9.11 20.89 -13.82
C LEU A 15 8.97 22.39 -13.58
N GLU A 16 8.18 23.07 -14.41
CA GLU A 16 8.02 24.51 -14.25
C GLU A 16 7.23 24.85 -13.00
N LYS A 17 6.18 24.07 -12.70
CA LYS A 17 5.34 24.38 -11.55
C LYS A 17 5.88 23.79 -10.25
N THR A 18 7.17 23.51 -10.13
CA THR A 18 7.72 22.84 -8.96
C THR A 18 9.01 23.45 -8.44
N TYR A 19 9.42 24.61 -8.95
CA TYR A 19 10.65 25.28 -8.49
C TYR A 19 11.88 24.39 -8.74
N TYR A 20 11.95 23.77 -9.90
CA TYR A 20 13.00 22.79 -10.16
C TYR A 20 13.43 22.84 -11.62
N ASN A 21 14.75 22.87 -11.84
CA ASN A 21 15.32 22.77 -13.18
C ASN A 21 16.25 21.57 -13.21
N VAL A 22 16.20 20.81 -14.33
CA VAL A 22 16.91 19.54 -14.40
C VAL A 22 18.42 19.76 -14.50
N ASP A 23 18.86 20.89 -15.06
CA ASP A 23 20.27 21.12 -15.33
C ASP A 23 20.98 21.94 -14.26
N THR A 24 20.25 22.68 -13.43
CA THR A 24 20.86 23.63 -12.51
C THR A 24 20.65 23.31 -11.03
N HIS A 25 19.66 22.50 -10.68
CA HIS A 25 19.33 22.30 -9.27
C HIS A 25 20.40 21.43 -8.59
N PRO A 26 20.75 21.72 -7.34
CA PRO A 26 21.71 20.89 -6.61
C PRO A 26 21.02 19.74 -5.89
N ALA A 27 21.84 18.80 -5.43
CA ALA A 27 21.35 17.63 -4.73
C ALA A 27 20.77 18.01 -3.37
N GLU A 28 19.91 17.15 -2.84
CA GLU A 28 19.21 17.39 -1.59
C GLU A 28 19.64 16.39 -0.52
N SER A 29 19.48 16.80 0.74
CA SER A 29 20.11 16.09 1.84
C SER A 29 19.48 14.72 2.08
N LEU A 30 18.16 14.68 2.25
CA LEU A 30 17.36 13.45 2.36
C LEU A 30 17.50 12.74 3.71
N ASP A 31 17.92 13.44 4.78
CA ASP A 31 18.20 12.76 6.04
C ASP A 31 16.92 12.39 6.79
N TRP A 32 15.89 13.24 6.73
CA TRP A 32 14.61 12.91 7.36
C TRP A 32 14.09 11.57 6.86
N PHE A 33 14.33 11.28 5.58
CA PHE A 33 13.98 9.97 5.02
C PHE A 33 14.71 8.86 5.74
N ASN A 34 15.98 9.09 6.08
CA ASN A 34 16.73 8.12 6.87
C ASN A 34 16.23 8.05 8.30
N VAL A 35 15.59 9.10 8.80
CA VAL A 35 15.09 9.10 10.17
C VAL A 35 13.81 8.29 10.27
N LEU A 36 12.82 8.59 9.42
CA LEU A 36 11.58 7.83 9.43
C LEU A 36 11.80 6.40 8.92
N ILE A 37 12.66 6.24 7.90
CA ILE A 37 13.04 4.90 7.46
C ILE A 37 13.72 4.14 8.59
N GLY A 38 14.60 4.81 9.33
CA GLY A 38 15.19 4.18 10.50
C GLY A 38 14.17 3.81 11.54
N GLN A 39 13.08 4.59 11.63
CA GLN A 39 12.00 4.25 12.56
C GLN A 39 11.30 2.96 12.11
N THR A 40 10.89 2.91 10.83
CA THR A 40 10.21 1.72 10.33
C THR A 40 11.09 0.48 10.43
N ILE A 41 12.35 0.61 10.03
CA ILE A 41 13.24 -0.54 10.01
C ILE A 41 13.63 -0.96 11.43
N GLN A 42 13.72 -0.01 12.36
CA GLN A 42 13.82 -0.39 13.76
C GLN A 42 12.59 -1.18 14.20
N GLN A 43 11.42 -0.80 13.71
CA GLN A 43 10.19 -1.49 14.07
C GLN A 43 10.15 -2.91 13.50
N LEU A 44 10.63 -3.09 12.27
CA LEU A 44 10.68 -4.43 11.70
C LEU A 44 11.74 -5.29 12.39
N ARG A 45 12.88 -4.67 12.76
CA ARG A 45 13.92 -5.42 13.45
C ARG A 45 13.44 -5.88 14.82
N GLU A 46 12.73 -5.03 15.55
CA GLU A 46 12.33 -5.36 16.91
C GLU A 46 11.20 -6.38 16.98
N GLU A 47 10.72 -6.89 15.85
CA GLU A 47 9.78 -8.01 15.85
C GLU A 47 10.54 -9.29 16.17
N ALA A 48 10.23 -9.90 17.31
CA ALA A 48 11.03 -11.01 17.81
C ALA A 48 10.88 -12.26 16.93
N TRP A 49 9.65 -12.57 16.52
CA TRP A 49 9.39 -13.77 15.75
C TRP A 49 9.49 -13.56 14.25
N LYS A 50 9.93 -12.38 13.80
CA LYS A 50 10.21 -12.20 12.38
C LYS A 50 11.55 -12.81 11.98
N LYS A 51 12.48 -12.96 12.92
CA LYS A 51 13.69 -13.73 12.66
C LYS A 51 13.34 -15.14 12.21
N ASP A 52 12.40 -15.77 12.92
CA ASP A 52 11.93 -17.10 12.52
C ASP A 52 11.03 -17.02 11.28
N ASN A 53 10.24 -15.95 11.16
CA ASN A 53 9.39 -15.76 10.00
C ASN A 53 10.19 -15.81 8.71
N ILE A 54 11.32 -15.11 8.67
CA ILE A 54 12.15 -15.07 7.48
C ILE A 54 13.18 -16.19 7.43
N VAL A 55 13.49 -16.83 8.57
CA VAL A 55 14.15 -18.13 8.53
C VAL A 55 13.33 -19.09 7.66
N TYR A 56 12.04 -19.19 7.98
CA TYR A 56 11.15 -20.03 7.19
C TYR A 56 11.01 -19.51 5.77
N SER A 57 10.86 -18.19 5.61
CA SER A 57 10.62 -17.62 4.29
C SER A 57 11.79 -17.90 3.35
N LEU A 58 13.03 -17.70 3.83
CA LEU A 58 14.20 -18.03 3.02
C LEU A 58 14.28 -19.52 2.76
N ASN A 59 14.10 -20.33 3.82
CA ASN A 59 14.09 -21.78 3.65
C ASN A 59 13.19 -22.21 2.50
N ALA A 60 11.90 -21.88 2.59
CA ALA A 60 10.92 -22.36 1.62
C ALA A 60 11.32 -22.03 0.19
N PHE A 61 11.73 -20.78 -0.05
CA PHE A 61 12.18 -20.40 -1.39
C PHE A 61 13.38 -21.23 -1.82
N ILE A 62 14.35 -21.41 -0.92
CA ILE A 62 15.59 -22.10 -1.30
C ILE A 62 15.30 -23.54 -1.70
N GLU A 63 14.42 -24.22 -0.96
CA GLU A 63 14.21 -25.65 -1.21
C GLU A 63 13.63 -25.90 -2.60
N ARG A 64 12.58 -25.16 -2.97
CA ARG A 64 11.97 -25.41 -4.28
C ARG A 64 12.91 -25.08 -5.43
N LYS A 65 13.66 -23.99 -5.29
CA LYS A 65 14.56 -23.49 -6.32
C LYS A 65 15.92 -24.19 -6.31
N ALA A 66 16.03 -25.34 -5.62
CA ALA A 66 17.33 -25.97 -5.41
C ALA A 66 17.98 -26.46 -6.69
N GLN A 67 17.20 -26.71 -7.75
CA GLN A 67 17.80 -27.16 -9.01
C GLN A 67 18.67 -26.07 -9.62
N GLU A 68 18.27 -24.81 -9.47
CA GLU A 68 19.14 -23.70 -9.88
C GLU A 68 20.41 -23.65 -9.04
N LEU A 69 20.32 -24.06 -7.78
CA LEU A 69 21.49 -24.12 -6.91
C LEU A 69 22.41 -25.25 -7.35
N PRO A 70 23.72 -25.12 -7.10
CA PRO A 70 24.65 -26.19 -7.46
C PRO A 70 24.21 -27.57 -6.98
N SER A 71 24.46 -28.58 -7.82
CA SER A 71 23.97 -29.93 -7.53
C SER A 71 24.83 -30.66 -6.51
N TYR A 72 26.10 -30.29 -6.38
CA TYR A 72 26.95 -30.94 -5.38
C TYR A 72 26.54 -30.61 -3.95
N LEU A 73 25.60 -29.69 -3.75
CA LEU A 73 25.07 -29.39 -2.44
C LEU A 73 23.87 -30.29 -2.14
N ASP A 74 23.64 -30.55 -0.85
CA ASP A 74 22.55 -31.42 -0.43
C ASP A 74 21.36 -30.62 0.03
N SER A 75 21.02 -30.69 1.32
CA SER A 75 19.93 -29.95 1.91
C SER A 75 20.46 -28.73 2.64
N ILE A 76 19.72 -27.64 2.58
CA ILE A 76 20.20 -26.33 3.02
C ILE A 76 19.34 -25.90 4.20
N LYS A 77 19.89 -26.02 5.40
CA LYS A 77 19.22 -25.58 6.63
C LYS A 77 19.84 -24.28 7.11
N ILE A 78 19.01 -23.38 7.60
CA ILE A 78 19.47 -22.13 8.21
C ILE A 78 19.33 -22.26 9.72
N THR A 79 20.47 -22.25 10.42
CA THR A 79 20.51 -22.32 11.87
C THR A 79 20.86 -21.00 12.53
N GLU A 80 21.42 -20.05 11.79
CA GLU A 80 21.82 -18.75 12.33
C GLU A 80 21.44 -17.66 11.34
N LEU A 81 21.10 -16.49 11.89
CA LEU A 81 20.61 -15.39 11.08
C LEU A 81 20.57 -14.10 11.89
N ASP A 82 21.29 -13.07 11.44
CA ASP A 82 21.36 -11.80 12.13
C ASP A 82 21.02 -10.67 11.17
N ILE A 83 20.41 -9.61 11.69
CA ILE A 83 19.89 -8.51 10.89
C ILE A 83 20.79 -7.28 10.98
N GLY A 84 21.14 -6.87 12.20
CA GLY A 84 22.14 -5.84 12.37
C GLY A 84 21.74 -4.82 13.42
N HIS A 85 22.56 -3.76 13.52
CA HIS A 85 22.32 -2.70 14.49
C HIS A 85 22.48 -1.30 13.89
N ASP A 86 22.57 -1.16 12.57
CA ASP A 86 22.76 0.12 11.90
C ASP A 86 21.64 0.35 10.89
N PHE A 87 21.71 1.47 10.18
CA PHE A 87 20.63 1.90 9.32
C PHE A 87 21.17 2.41 7.99
N PRO A 88 20.38 2.35 6.93
CA PRO A 88 20.84 2.84 5.63
C PRO A 88 20.75 4.36 5.53
N ILE A 89 21.72 4.94 4.82
CA ILE A 89 21.84 6.39 4.69
C ILE A 89 21.71 6.75 3.21
N PHE A 90 20.73 7.59 2.90
CA PHE A 90 20.56 8.14 1.56
C PHE A 90 21.10 9.56 1.50
N SER A 91 21.68 9.90 0.35
CA SER A 91 22.14 11.25 0.08
C SER A 91 22.30 11.40 -1.42
N ASN A 92 22.59 12.62 -1.85
CA ASN A 92 22.69 12.95 -3.28
C ASN A 92 21.46 12.46 -4.02
N CYS A 93 20.43 13.30 -4.06
CA CYS A 93 19.14 12.98 -4.67
C CYS A 93 18.91 13.87 -5.88
N ARG A 94 18.76 13.26 -7.05
CA ARG A 94 18.67 13.97 -8.32
C ARG A 94 17.35 13.65 -9.00
N ILE A 95 17.07 14.37 -10.09
CA ILE A 95 15.88 14.13 -10.92
C ILE A 95 16.31 14.24 -12.37
N GLN A 96 16.06 13.18 -13.14
CA GLN A 96 16.45 13.11 -14.54
C GLN A 96 15.28 12.59 -15.37
N TYR A 97 15.39 12.77 -16.68
CA TYR A 97 14.46 12.17 -17.60
C TYR A 97 14.71 10.67 -17.71
N SER A 98 13.71 9.94 -18.16
CA SER A 98 13.83 8.50 -18.31
C SER A 98 14.62 8.16 -19.56
N PRO A 99 15.64 7.30 -19.47
CA PRO A 99 16.44 6.97 -20.66
C PRO A 99 15.65 6.17 -21.67
N ASN A 100 16.11 6.21 -22.92
CA ASN A 100 15.56 5.48 -24.06
C ASN A 100 14.10 5.80 -24.33
N SER A 101 13.52 6.78 -23.63
CA SER A 101 12.11 7.10 -23.74
C SER A 101 11.84 8.43 -24.42
N ASN A 102 12.88 9.07 -24.97
CA ASN A 102 12.73 10.31 -25.74
C ASN A 102 12.10 11.43 -24.92
N GLY A 103 12.35 11.43 -23.61
CA GLY A 103 11.77 12.42 -22.73
C GLY A 103 10.31 12.14 -22.39
N ARG A 104 10.01 10.90 -22.01
CA ARG A 104 8.65 10.51 -21.64
C ARG A 104 8.37 10.77 -20.16
N LYS A 105 9.13 10.12 -19.28
CA LYS A 105 8.87 10.13 -17.85
C LYS A 105 10.06 10.70 -17.10
N LEU A 106 9.85 10.98 -15.83
CA LEU A 106 10.86 11.51 -14.93
C LEU A 106 11.19 10.48 -13.86
N GLU A 107 12.31 10.70 -13.16
CA GLU A 107 12.75 9.74 -12.17
C GLU A 107 13.79 10.36 -11.25
N ALA A 108 13.79 9.94 -10.00
CA ALA A 108 14.78 10.36 -9.00
C ALA A 108 15.97 9.40 -8.97
N LYS A 109 17.11 9.93 -8.52
CA LYS A 109 18.40 9.24 -8.57
C LYS A 109 19.13 9.50 -7.25
N ILE A 110 19.06 8.56 -6.32
CA ILE A 110 19.54 8.74 -4.96
C ILE A 110 20.77 7.85 -4.74
N ASP A 111 21.80 8.42 -4.13
CA ASP A 111 22.92 7.60 -3.66
C ASP A 111 22.56 6.96 -2.32
N ILE A 112 23.01 5.72 -2.11
CA ILE A 112 22.69 4.98 -0.90
C ILE A 112 23.95 4.25 -0.42
N ASP A 113 24.18 4.29 0.90
CA ASP A 113 25.30 3.60 1.54
C ASP A 113 24.83 2.96 2.84
N LEU A 114 25.36 1.77 3.13
CA LEU A 114 24.97 1.03 4.32
C LEU A 114 26.16 0.23 4.85
N ASN A 115 26.33 0.26 6.18
CA ASN A 115 27.41 -0.46 6.85
C ASN A 115 26.84 -1.11 8.11
N ASP A 116 26.88 -2.43 8.17
CA ASP A 116 26.43 -3.20 9.34
C ASP A 116 26.84 -4.65 9.14
N ARG A 117 26.39 -5.53 10.03
CA ARG A 117 26.62 -6.97 9.92
C ARG A 117 25.31 -7.63 9.48
N LEU A 118 25.32 -8.27 8.30
CA LEU A 118 24.12 -8.89 7.77
C LEU A 118 24.42 -10.36 7.44
N ALA A 119 24.12 -11.26 8.38
CA ALA A 119 24.60 -12.63 8.31
C ALA A 119 23.45 -13.63 8.18
N VAL A 120 23.79 -14.80 7.63
CA VAL A 120 22.91 -15.96 7.50
C VAL A 120 23.74 -17.20 7.77
N GLY A 121 23.20 -18.15 8.54
CA GLY A 121 23.93 -19.36 8.88
C GLY A 121 23.41 -20.61 8.19
N ILE A 122 24.20 -21.15 7.26
CA ILE A 122 23.80 -22.31 6.46
C ILE A 122 24.40 -23.57 7.08
N GLU A 123 23.79 -24.72 6.78
CA GLU A 123 24.26 -26.02 7.21
C GLU A 123 23.96 -27.02 6.09
N THR A 124 24.99 -27.44 5.36
CA THR A 124 24.77 -28.21 4.14
C THR A 124 25.76 -29.38 4.09
N ARG A 125 25.49 -30.31 3.18
CA ARG A 125 26.37 -31.43 2.86
C ARG A 125 26.73 -31.39 1.38
N LEU A 126 27.62 -32.29 0.97
CA LEU A 126 28.15 -32.30 -0.40
C LEU A 126 28.15 -33.73 -0.95
N LEU A 127 27.18 -34.03 -1.81
CA LEU A 127 26.97 -35.37 -2.34
C LEU A 127 27.60 -35.55 -3.72
N LEU A 128 27.84 -36.80 -4.09
CA LEU A 128 28.42 -37.16 -5.38
C LEU A 128 27.94 -38.55 -5.80
N ASN A 129 27.77 -38.74 -7.12
CA ASN A 129 27.22 -39.96 -7.70
C ASN A 129 27.85 -40.27 -9.08
N TYR A 130 27.78 -41.53 -9.56
CA TYR A 130 27.11 -42.65 -8.88
C TYR A 130 28.00 -43.65 -8.14
N PRO A 131 29.12 -43.20 -7.54
CA PRO A 131 29.53 -43.98 -6.37
C PRO A 131 29.07 -43.28 -5.09
N LYS A 132 28.51 -44.04 -4.14
CA LYS A 132 28.38 -45.49 -4.23
C LYS A 132 27.13 -46.08 -4.96
N PRO A 133 26.10 -45.27 -5.30
CA PRO A 133 25.76 -43.84 -5.20
C PRO A 133 25.62 -43.31 -3.76
N LEU A 134 25.60 -41.98 -3.65
CA LEU A 134 25.55 -41.24 -2.38
C LEU A 134 26.86 -41.37 -1.61
N THR A 135 27.45 -40.23 -1.27
CA THR A 135 28.80 -40.11 -0.74
C THR A 135 28.74 -39.73 0.74
N ALA A 136 29.87 -39.91 1.44
CA ALA A 136 30.01 -39.47 2.81
C ALA A 136 30.07 -37.95 2.89
N SER A 137 29.01 -37.30 2.43
CA SER A 137 28.96 -35.84 2.34
C SER A 137 29.40 -35.18 3.62
N LEU A 138 30.47 -34.39 3.54
CA LEU A 138 30.99 -33.70 4.71
C LEU A 138 30.12 -32.50 5.09
N PRO A 139 30.06 -32.15 6.38
CA PRO A 139 29.21 -31.04 6.82
C PRO A 139 29.87 -29.68 6.66
N ILE A 140 29.05 -28.69 6.33
CA ILE A 140 29.50 -27.31 6.17
C ILE A 140 28.58 -26.43 7.00
N ASN A 141 29.16 -25.66 7.92
CA ASN A 141 28.50 -24.54 8.59
C ASN A 141 28.94 -23.28 7.88
N VAL A 142 28.05 -22.69 7.08
CA VAL A 142 28.39 -21.57 6.21
C VAL A 142 27.75 -20.28 6.70
N THR A 143 28.44 -19.55 7.57
CA THR A 143 27.95 -18.24 8.00
C THR A 143 28.45 -17.19 7.01
N VAL A 144 27.52 -16.59 6.27
CA VAL A 144 27.82 -15.62 5.22
C VAL A 144 27.31 -14.26 5.65
N SER A 145 28.11 -13.22 5.45
CA SER A 145 27.75 -11.88 5.87
C SER A 145 27.84 -10.90 4.70
N ILE A 146 27.15 -9.77 4.87
CA ILE A 146 27.30 -8.61 4.01
C ILE A 146 27.57 -7.43 4.93
N ILE A 147 28.47 -6.54 4.52
CA ILE A 147 28.94 -5.51 5.43
C ILE A 147 28.78 -4.10 4.86
N ARG A 148 28.93 -3.94 3.55
CA ARG A 148 28.78 -2.62 2.95
C ARG A 148 27.91 -2.72 1.69
N PHE A 149 27.16 -1.64 1.44
CA PHE A 149 26.33 -1.53 0.24
C PHE A 149 26.33 -0.06 -0.20
N GLN A 150 27.04 0.24 -1.28
CA GLN A 150 26.96 1.53 -1.96
C GLN A 150 26.31 1.34 -3.31
N ALA A 151 25.26 2.12 -3.58
CA ALA A 151 24.50 1.95 -4.82
C ALA A 151 23.97 3.29 -5.28
N CYS A 152 23.66 3.34 -6.57
CA CYS A 152 23.03 4.50 -7.21
C CYS A 152 21.67 4.04 -7.70
N LEU A 153 20.61 4.51 -7.05
CA LEU A 153 19.29 3.94 -7.19
C LEU A 153 18.36 4.89 -7.94
N THR A 154 17.45 4.32 -8.73
CA THR A 154 16.48 5.06 -9.51
C THR A 154 15.07 4.77 -8.99
N VAL A 155 14.30 5.83 -8.72
CA VAL A 155 12.92 5.74 -8.28
C VAL A 155 12.07 6.53 -9.26
N SER A 156 10.77 6.23 -9.28
CA SER A 156 9.79 6.93 -10.12
C SER A 156 8.42 6.31 -9.84
N LEU A 157 7.39 6.96 -10.37
CA LEU A 157 6.01 6.55 -10.12
C LEU A 157 5.20 6.69 -11.40
N THR A 158 4.56 5.59 -11.80
CA THR A 158 3.71 5.60 -12.99
C THR A 158 2.32 5.03 -12.68
N PHE A 180 2.44 2.90 -9.60
CA PHE A 180 3.33 1.93 -8.96
C PHE A 180 4.64 2.60 -8.54
N LEU A 181 5.56 1.82 -7.98
CA LEU A 181 6.82 2.33 -7.45
C LEU A 181 7.98 1.68 -8.20
N MET A 182 8.43 2.34 -9.27
CA MET A 182 9.53 1.83 -10.08
C MET A 182 10.86 2.21 -9.44
N PHE A 183 11.69 1.23 -9.13
CA PHE A 183 12.98 1.48 -8.52
C PHE A 183 13.94 0.34 -8.84
N SER A 184 15.20 0.68 -9.09
CA SER A 184 16.20 -0.33 -9.40
C SER A 184 17.60 0.26 -9.21
N PHE A 185 18.60 -0.61 -9.30
CA PHE A 185 19.98 -0.29 -9.02
C PHE A 185 20.81 -0.27 -10.30
N ALA A 186 21.92 0.47 -10.24
CA ALA A 186 22.89 0.47 -11.34
C ALA A 186 23.77 -0.79 -11.24
N PRO A 187 24.17 -1.37 -12.38
CA PRO A 187 24.98 -2.59 -12.34
C PRO A 187 26.35 -2.40 -11.71
N GLU A 188 26.87 -1.17 -11.65
CA GLU A 188 28.15 -0.89 -11.01
C GLU A 188 27.93 -0.57 -9.53
N TYR A 189 27.50 -1.59 -8.80
CA TYR A 189 27.25 -1.50 -7.38
C TYR A 189 28.34 -2.20 -6.57
N ARG A 190 28.42 -1.83 -5.30
CA ARG A 190 29.39 -2.40 -4.37
C ARG A 190 28.66 -3.31 -3.41
N MET A 191 29.08 -4.58 -3.35
CA MET A 191 28.53 -5.55 -2.42
C MET A 191 29.68 -6.31 -1.79
N GLU A 192 29.83 -6.17 -0.48
CA GLU A 192 31.00 -6.67 0.24
C GLU A 192 30.58 -7.82 1.15
N PHE A 193 31.12 -9.01 0.90
CA PHE A 193 30.74 -10.23 1.59
C PHE A 193 31.81 -10.63 2.58
N GLU A 194 31.38 -11.17 3.73
CA GLU A 194 32.24 -11.61 4.81
C GLU A 194 31.83 -13.04 5.14
N THR A 195 32.44 -14.01 4.46
CA THR A 195 32.02 -15.40 4.51
C THR A 195 32.98 -16.23 5.36
N GLN A 196 32.43 -17.23 6.05
CA GLN A 196 33.23 -18.19 6.79
C GLN A 196 32.48 -19.52 6.84
N SER A 197 33.25 -20.60 6.91
CA SER A 197 32.69 -21.95 6.88
C SER A 197 33.43 -22.83 7.86
N LEU A 198 32.80 -23.94 8.23
CA LEU A 198 33.45 -24.95 9.06
C LEU A 198 33.05 -26.33 8.55
N ILE A 199 34.06 -27.18 8.34
CA ILE A 199 33.90 -28.46 7.65
C ILE A 199 34.50 -29.54 8.54
N GLY A 200 33.64 -30.38 9.11
CA GLY A 200 34.08 -31.42 10.02
C GLY A 200 34.77 -30.86 11.25
N ALA A 201 35.98 -30.34 11.08
CA ALA A 201 36.70 -29.67 12.15
C ALA A 201 37.75 -28.72 11.58
N GLU A 206 38.62 -23.65 7.23
CA GLU A 206 37.66 -22.65 7.70
C GLU A 206 37.50 -21.52 6.69
N ASN A 207 38.32 -20.48 6.83
CA ASN A 207 38.29 -19.35 5.92
C ASN A 207 38.60 -19.83 4.50
N ILE A 208 37.61 -20.43 3.86
CA ILE A 208 37.77 -21.13 2.59
C ILE A 208 37.06 -20.31 1.51
N PRO A 209 37.76 -19.88 0.45
CA PRO A 209 37.25 -18.78 -0.38
C PRO A 209 36.17 -19.20 -1.38
N LYS A 210 36.31 -20.36 -2.00
CA LYS A 210 35.36 -20.76 -3.04
C LYS A 210 33.94 -20.81 -2.49
N ILE A 211 33.78 -21.11 -1.20
CA ILE A 211 32.48 -21.00 -0.55
C ILE A 211 31.93 -19.59 -0.72
N GLY A 212 32.68 -18.58 -0.27
CA GLY A 212 32.19 -17.22 -0.32
C GLY A 212 31.96 -16.73 -1.74
N SER A 213 32.81 -17.15 -2.68
CA SER A 213 32.61 -16.74 -4.07
C SER A 213 31.35 -17.36 -4.66
N LEU A 214 31.06 -18.61 -4.31
CA LEU A 214 29.86 -19.27 -4.83
C LEU A 214 28.61 -18.65 -4.22
N VAL A 215 28.61 -18.43 -2.90
CA VAL A 215 27.49 -17.75 -2.26
C VAL A 215 27.31 -16.36 -2.86
N GLU A 216 28.41 -15.71 -3.22
CA GLU A 216 28.33 -14.44 -3.93
C GLU A 216 27.63 -14.61 -5.27
N TYR A 217 27.94 -15.70 -5.99
CA TYR A 217 27.27 -15.96 -7.26
C TYR A 217 25.76 -16.06 -7.09
N GLN A 218 25.31 -16.89 -6.13
CA GLN A 218 23.87 -17.07 -5.97
C GLN A 218 23.19 -15.81 -5.46
N ILE A 219 23.82 -15.12 -4.51
CA ILE A 219 23.23 -13.90 -3.95
C ILE A 219 23.07 -12.85 -5.03
N LYS A 220 24.15 -12.55 -5.77
CA LYS A 220 24.04 -11.58 -6.85
C LYS A 220 23.20 -12.09 -8.01
N LYS A 221 22.92 -13.40 -8.06
CA LYS A 221 22.03 -13.91 -9.09
C LYS A 221 20.57 -13.62 -8.75
N TRP A 222 20.18 -13.87 -7.50
CA TRP A 222 18.84 -13.46 -7.07
C TRP A 222 18.69 -11.94 -7.14
N PHE A 223 19.72 -11.22 -6.70
CA PHE A 223 19.69 -9.76 -6.65
C PHE A 223 19.56 -9.15 -8.05
N VAL A 224 20.50 -9.49 -8.94
CA VAL A 224 20.44 -8.98 -10.30
C VAL A 224 19.20 -9.51 -11.02
N GLU A 225 18.78 -10.73 -10.68
CA GLU A 225 17.59 -11.31 -11.29
C GLU A 225 16.36 -10.48 -10.99
N ARG A 226 16.27 -9.91 -9.79
CA ARG A 226 15.05 -9.22 -9.39
C ARG A 226 15.16 -7.70 -9.32
N CYS A 227 16.29 -7.13 -8.90
CA CYS A 227 16.30 -5.74 -8.46
C CYS A 227 17.39 -4.91 -9.11
N VAL A 228 17.80 -5.23 -10.34
CA VAL A 228 18.90 -4.51 -10.98
C VAL A 228 18.51 -4.19 -12.43
N GLU A 229 18.88 -3.00 -12.88
CA GLU A 229 18.73 -2.59 -14.28
C GLU A 229 19.35 -3.61 -15.23
N PRO A 230 18.69 -3.88 -16.36
CA PRO A 230 17.41 -3.26 -16.74
C PRO A 230 16.20 -4.07 -16.32
N ARG A 231 16.11 -4.46 -15.05
CA ARG A 231 14.96 -5.18 -14.52
C ARG A 231 14.52 -4.49 -13.24
N PHE A 232 13.37 -3.83 -13.30
CA PHE A 232 12.85 -3.03 -12.20
C PHE A 232 11.85 -3.85 -11.38
N GLN A 233 11.37 -3.23 -10.30
CA GLN A 233 10.35 -3.82 -9.44
C GLN A 233 9.26 -2.78 -9.20
N PHE A 234 8.05 -3.08 -9.64
CA PHE A 234 6.90 -2.19 -9.46
C PHE A 234 6.10 -2.68 -8.26
N ILE A 235 5.84 -1.77 -7.31
CA ILE A 235 5.10 -2.09 -6.09
C ILE A 235 3.78 -1.36 -6.12
N LYS A 236 2.71 -2.04 -5.70
CA LYS A 236 1.37 -1.48 -5.76
C LYS A 236 1.26 -0.21 -4.95
N LEU A 237 0.59 0.79 -5.51
CA LEU A 237 0.38 2.07 -4.83
C LEU A 237 -1.03 2.13 -4.28
N PRO A 238 -1.22 2.14 -2.96
CA PRO A 238 -2.56 2.29 -2.40
C PRO A 238 -3.01 3.75 -2.43
N SER A 239 -4.32 3.93 -2.25
CA SER A 239 -4.90 5.26 -2.28
C SER A 239 -4.61 6.00 -0.99
N VAL A 240 -4.13 7.24 -1.12
CA VAL A 240 -3.84 8.07 0.04
C VAL A 240 -5.00 8.98 0.43
N TRP A 241 -6.12 8.91 -0.30
CA TRP A 241 -7.22 9.82 -0.05
C TRP A 241 -7.78 9.60 1.35
N PRO A 242 -8.01 10.66 2.13
CA PRO A 242 -8.54 10.50 3.49
C PRO A 242 -9.91 9.84 3.48
N ARG A 243 -9.99 8.69 4.15
CA ARG A 243 -11.24 7.94 4.28
C ARG A 243 -11.46 7.62 5.75
N SER A 244 -12.74 7.47 6.12
CA SER A 244 -13.13 7.26 7.51
C SER A 244 -12.73 5.87 8.03
N LYS A 245 -12.60 4.87 7.15
CA LYS A 245 -12.11 3.56 7.57
C LYS A 245 -10.61 3.55 7.78
N ASN A 246 -9.95 4.71 7.69
CA ASN A 246 -8.52 4.86 7.90
C ASN A 246 -8.20 5.91 8.96
N THR A 247 -9.14 6.18 9.87
CA THR A 247 -8.99 7.23 10.87
C THR A 247 -8.96 6.62 12.26
N ARG A 248 -7.88 6.87 13.00
CA ARG A 248 -7.75 6.44 14.38
C ARG A 248 -7.28 7.62 15.22
N GLU A 249 -6.98 7.38 16.49
CA GLU A 249 -6.45 8.41 17.37
C GLU A 249 -5.86 7.74 18.60
N GLY A 250 -5.38 8.56 19.53
CA GLY A 250 -4.77 8.06 20.76
C GLY A 250 -4.16 9.17 21.59
N MET B 1 38.28 -32.69 9.44
CA MET B 1 37.79 -33.09 8.13
C MET B 1 37.37 -34.55 8.19
N SER B 2 36.07 -34.81 8.04
CA SER B 2 35.49 -36.11 8.37
C SER B 2 34.73 -36.67 7.18
N PHE B 3 35.08 -37.90 6.79
CA PHE B 3 34.33 -38.71 5.83
C PHE B 3 34.12 -40.09 6.43
N ASP B 4 32.94 -40.66 6.17
CA ASP B 4 32.66 -42.04 6.60
C ASP B 4 31.36 -42.59 6.04
N ILE B 5 31.44 -43.27 4.90
CA ILE B 5 30.41 -44.25 4.53
C ILE B 5 30.87 -45.60 5.07
N ASN B 6 30.03 -46.21 5.91
CA ASN B 6 30.17 -47.65 6.14
C ASN B 6 29.53 -48.31 4.93
N TRP B 7 30.33 -48.39 3.86
CA TRP B 7 29.85 -48.54 2.49
C TRP B 7 29.22 -49.90 2.17
N SER B 8 28.46 -50.45 3.12
CA SER B 8 27.63 -51.62 2.83
C SER B 8 26.80 -51.45 1.58
N THR B 9 26.60 -50.20 1.15
CA THR B 9 25.89 -49.86 -0.09
C THR B 9 26.45 -50.60 -1.30
N LEU B 10 27.63 -51.21 -1.18
CA LEU B 10 28.18 -51.96 -2.30
C LEU B 10 27.96 -53.47 -2.18
N GLU B 11 27.86 -54.01 -0.97
CA GLU B 11 27.87 -55.46 -0.82
C GLU B 11 26.56 -56.11 -1.23
N SER B 12 25.43 -55.41 -1.03
CA SER B 12 24.18 -55.89 -1.61
C SER B 12 24.26 -55.88 -3.12
N ASP B 13 24.98 -54.91 -3.69
CA ASP B 13 25.18 -54.81 -5.14
C ASP B 13 26.04 -55.97 -5.61
N ASN B 14 25.40 -57.11 -5.86
CA ASN B 14 26.00 -58.11 -6.71
C ASN B 14 26.24 -57.56 -8.11
N ARG B 15 25.50 -56.51 -8.48
CA ARG B 15 25.71 -55.82 -9.75
C ARG B 15 27.09 -55.19 -9.82
N LEU B 16 27.52 -54.54 -8.73
CA LEU B 16 28.87 -53.98 -8.70
C LEU B 16 29.92 -55.08 -8.61
N ASN B 17 29.62 -56.13 -7.84
CA ASN B 17 30.50 -57.28 -7.76
C ASN B 17 30.83 -57.83 -9.15
N ASP B 18 29.80 -58.10 -9.94
CA ASP B 18 30.01 -58.60 -11.30
C ASP B 18 30.45 -57.50 -12.26
N LEU B 19 30.27 -56.23 -11.90
CA LEU B 19 30.80 -55.14 -12.73
C LEU B 19 32.32 -55.10 -12.65
N ILE B 20 32.87 -55.27 -11.45
CA ILE B 20 34.33 -55.30 -11.32
C ILE B 20 34.88 -56.68 -11.72
N ARG B 21 34.09 -57.74 -11.56
CA ARG B 21 34.50 -59.02 -12.14
C ARG B 21 34.54 -58.93 -13.66
N LYS B 22 33.69 -58.11 -14.25
CA LYS B 22 33.64 -57.94 -15.71
C LYS B 22 34.79 -57.08 -16.21
N HIS B 23 34.95 -55.87 -15.64
CA HIS B 23 36.03 -54.99 -16.08
C HIS B 23 37.39 -55.60 -15.76
N LEU B 24 37.52 -56.18 -14.57
CA LEU B 24 38.79 -56.78 -14.17
C LEU B 24 39.09 -58.03 -14.97
N ASN B 25 38.13 -58.97 -15.04
CA ASN B 25 38.30 -60.16 -15.85
C ASN B 25 38.61 -59.80 -17.30
N SER B 26 38.08 -58.67 -17.79
CA SER B 26 38.34 -58.25 -19.16
C SER B 26 39.75 -57.70 -19.31
N TYR B 27 40.22 -56.93 -18.32
CA TYR B 27 41.61 -56.46 -18.40
C TYR B 27 42.60 -57.61 -18.29
N LEU B 28 42.25 -58.68 -17.58
CA LEU B 28 43.15 -59.82 -17.51
C LEU B 28 43.11 -60.66 -18.78
N GLN B 29 41.93 -60.90 -19.33
CA GLN B 29 41.81 -61.78 -20.48
C GLN B 29 42.42 -61.20 -21.76
N ASN B 30 42.74 -59.91 -21.78
CA ASN B 30 43.41 -59.28 -22.92
C ASN B 30 44.70 -58.64 -22.44
N THR B 31 45.81 -59.32 -22.65
CA THR B 31 47.13 -58.81 -22.31
C THR B 31 48.15 -59.57 -23.13
N GLN B 32 49.25 -58.91 -23.46
CA GLN B 32 50.39 -59.64 -24.01
C GLN B 32 51.04 -60.43 -22.89
N LEU B 33 50.57 -61.65 -22.67
CA LEU B 33 51.02 -62.44 -21.54
C LEU B 33 52.38 -63.06 -21.80
N PRO B 34 53.14 -63.37 -20.74
CA PRO B 34 54.39 -64.10 -20.92
C PRO B 34 54.11 -65.54 -21.37
N SER B 35 55.20 -66.24 -21.69
CA SER B 35 55.07 -67.61 -22.20
C SER B 35 54.74 -68.60 -21.09
N TYR B 36 55.20 -68.36 -19.87
CA TYR B 36 54.97 -69.28 -18.76
C TYR B 36 53.60 -69.08 -18.10
N VAL B 37 52.75 -68.23 -18.67
CA VAL B 37 51.40 -68.01 -18.17
C VAL B 37 50.44 -68.29 -19.33
N SER B 38 49.73 -69.40 -19.26
CA SER B 38 48.82 -69.77 -20.33
C SER B 38 47.59 -68.87 -20.33
N ASN B 39 46.96 -68.69 -19.18
CA ASN B 39 45.68 -68.00 -19.10
C ASN B 39 45.56 -67.28 -17.77
N LEU B 40 44.98 -66.08 -17.80
CA LEU B 40 44.64 -65.32 -16.62
C LEU B 40 43.12 -65.19 -16.51
N ARG B 41 42.60 -65.33 -15.29
CA ARG B 41 41.17 -65.33 -15.07
C ARG B 41 40.88 -64.96 -13.62
N VAL B 42 39.85 -64.13 -13.42
CA VAL B 42 39.41 -63.73 -12.09
C VAL B 42 38.22 -64.59 -11.71
N LEU B 43 38.33 -65.32 -10.61
CA LEU B 43 37.31 -66.27 -10.19
C LEU B 43 36.54 -65.80 -8.95
N ASP B 44 37.23 -65.42 -7.89
CA ASP B 44 36.62 -65.04 -6.62
C ASP B 44 37.04 -63.62 -6.28
N PHE B 45 36.15 -62.66 -6.53
CA PHE B 45 36.39 -61.26 -6.27
C PHE B 45 35.47 -60.77 -5.15
N ASP B 46 35.99 -59.88 -4.29
CA ASP B 46 35.11 -59.23 -3.34
C ASP B 46 35.75 -57.91 -2.88
N LEU B 47 34.92 -56.89 -2.75
CA LEU B 47 35.40 -55.54 -2.46
C LEU B 47 35.63 -55.31 -0.96
N GLY B 48 34.90 -56.02 -0.10
CA GLY B 48 35.17 -56.02 1.32
C GLY B 48 34.27 -55.09 2.11
N LYS B 49 34.57 -55.03 3.40
CA LYS B 49 33.76 -54.33 4.39
C LYS B 49 34.36 -52.98 4.78
N VAL B 50 35.66 -52.96 5.10
CA VAL B 50 36.28 -51.72 5.55
C VAL B 50 36.40 -50.76 4.38
N GLY B 51 36.00 -49.50 4.61
CA GLY B 51 36.15 -48.46 3.63
C GLY B 51 37.40 -47.65 3.89
N PRO B 52 37.91 -46.99 2.84
CA PRO B 52 39.11 -46.16 3.00
C PRO B 52 38.81 -44.91 3.81
N ALA B 53 39.89 -44.25 4.25
CA ALA B 53 39.81 -43.03 5.04
C ALA B 53 40.20 -41.83 4.18
N ILE B 54 39.34 -40.81 4.18
CA ILE B 54 39.48 -39.67 3.29
C ILE B 54 39.55 -38.39 4.12
N THR B 55 40.41 -37.47 3.70
CA THR B 55 40.53 -36.15 4.34
C THR B 55 40.61 -35.10 3.25
N LEU B 56 39.66 -34.17 3.25
CA LEU B 56 39.72 -33.04 2.34
C LEU B 56 40.66 -31.98 2.89
N LYS B 57 41.46 -31.39 2.01
CA LYS B 57 42.39 -30.35 2.42
C LYS B 57 42.41 -29.12 1.53
N GLU B 58 41.98 -29.22 0.27
CA GLU B 58 41.91 -28.03 -0.58
C GLU B 58 40.65 -28.04 -1.42
N ILE B 59 40.37 -26.87 -2.00
CA ILE B 59 39.16 -26.61 -2.78
C ILE B 59 39.39 -25.44 -3.71
N THR B 60 39.18 -25.67 -5.01
CA THR B 60 39.20 -24.60 -5.99
C THR B 60 38.00 -24.78 -6.90
N ASP B 61 37.87 -23.91 -7.88
CA ASP B 61 36.81 -24.10 -8.86
C ASP B 61 37.31 -25.00 -9.98
N PRO B 62 38.39 -24.65 -10.70
CA PRO B 62 38.68 -25.38 -11.94
C PRO B 62 39.99 -26.14 -11.94
N LEU B 63 40.25 -26.81 -13.05
CA LEU B 63 41.59 -27.17 -13.46
C LEU B 63 41.58 -27.29 -14.98
N ASP B 64 42.49 -26.58 -15.63
CA ASP B 64 42.35 -26.17 -17.03
C ASP B 64 42.48 -27.29 -18.05
N GLU B 65 42.39 -28.55 -17.64
CA GLU B 65 42.48 -29.67 -18.57
C GLU B 65 41.19 -30.47 -18.66
N PHE B 66 40.44 -30.59 -17.57
CA PHE B 66 39.08 -31.13 -17.67
C PHE B 66 38.28 -30.36 -18.71
N TYR B 67 38.34 -29.02 -18.63
CA TYR B 67 37.67 -28.17 -19.61
C TYR B 67 38.25 -28.31 -21.01
N ASP B 68 39.51 -28.76 -21.13
CA ASP B 68 40.01 -29.13 -22.44
C ASP B 68 39.26 -30.34 -22.98
N SER B 69 39.20 -31.41 -22.18
CA SER B 69 38.50 -32.62 -22.61
C SER B 69 37.03 -32.36 -22.89
N ILE B 70 36.42 -31.39 -22.19
CA ILE B 70 35.01 -31.08 -22.43
C ILE B 70 34.85 -30.21 -23.67
N ARG B 71 35.67 -29.17 -23.80
CA ARG B 71 35.57 -28.30 -24.97
C ARG B 71 35.85 -29.06 -26.26
N GLU B 72 36.62 -30.15 -26.19
CA GLU B 72 36.76 -31.03 -27.35
C GLU B 72 35.41 -31.60 -27.76
N GLU B 73 34.76 -32.33 -26.85
CA GLU B 73 33.47 -32.95 -27.13
C GLU B 73 32.38 -32.42 -26.22
N SER B 79 31.41 -22.58 -17.07
CA SER B 79 30.50 -21.94 -16.14
C SER B 79 31.15 -21.79 -14.76
N PRO B 80 30.85 -20.68 -14.06
CA PRO B 80 31.42 -20.48 -12.73
C PRO B 80 30.78 -21.31 -11.64
N ASN B 81 29.72 -22.06 -11.97
CA ASN B 81 29.03 -22.90 -10.99
C ASN B 81 29.72 -24.23 -10.74
N ASP B 82 30.90 -24.45 -11.31
CA ASP B 82 31.62 -25.71 -11.17
C ASP B 82 32.55 -25.68 -9.96
N ILE B 83 33.05 -26.85 -9.58
CA ILE B 83 33.80 -27.02 -8.34
C ILE B 83 34.81 -28.15 -8.50
N GLN B 84 35.93 -28.06 -7.76
CA GLN B 84 36.89 -29.15 -7.67
C GLN B 84 37.48 -29.21 -6.27
N PHE B 85 37.68 -30.43 -5.77
CA PHE B 85 38.21 -30.70 -4.45
C PHE B 85 39.58 -31.36 -4.56
N LEU B 86 40.43 -31.08 -3.57
CA LEU B 86 41.72 -31.75 -3.41
C LEU B 86 41.73 -32.49 -2.08
N LEU B 87 41.92 -33.80 -2.15
CA LEU B 87 41.71 -34.71 -1.02
C LEU B 87 42.92 -35.64 -0.87
N GLU B 88 43.02 -36.24 0.31
CA GLU B 88 44.04 -37.22 0.64
C GLU B 88 43.39 -38.57 0.89
N VAL B 89 43.81 -39.57 0.11
CA VAL B 89 43.19 -40.89 0.11
C VAL B 89 44.12 -41.87 0.81
N GLU B 90 43.57 -42.61 1.77
CA GLU B 90 44.28 -43.61 2.57
C GLU B 90 43.43 -44.89 2.59
N TYR B 91 43.80 -45.86 1.77
CA TYR B 91 43.18 -47.18 1.78
C TYR B 91 44.07 -48.14 2.55
N LYS B 92 43.48 -48.83 3.52
CA LYS B 92 44.19 -49.89 4.22
C LYS B 92 43.26 -51.06 4.53
N GLY B 93 42.10 -51.12 3.87
CA GLY B 93 41.05 -52.06 4.19
C GLY B 93 41.16 -53.43 3.56
N ASP B 94 40.02 -53.96 3.13
CA ASP B 94 39.84 -55.41 2.96
C ASP B 94 39.32 -55.74 1.57
N LEU B 95 40.10 -55.43 0.54
CA LEU B 95 39.78 -55.84 -0.81
C LEU B 95 40.49 -57.16 -1.14
N LEU B 96 39.78 -58.09 -1.78
CA LEU B 96 40.37 -59.38 -2.10
C LEU B 96 40.07 -59.78 -3.53
N VAL B 97 41.12 -60.20 -4.25
CA VAL B 97 40.99 -60.70 -5.61
C VAL B 97 41.62 -62.09 -5.69
N THR B 98 40.94 -63.01 -6.36
CA THR B 98 41.50 -64.32 -6.66
C THR B 98 41.60 -64.46 -8.18
N ILE B 99 42.80 -64.79 -8.65
CA ILE B 99 43.09 -64.88 -10.07
C ILE B 99 43.52 -66.31 -10.38
N GLY B 100 42.73 -67.00 -11.20
CA GLY B 100 43.14 -68.30 -11.71
C GLY B 100 44.15 -68.16 -12.81
N ALA B 101 45.05 -69.15 -12.91
CA ALA B 101 46.12 -69.09 -13.88
C ALA B 101 46.67 -70.48 -14.12
N ASP B 102 47.00 -70.78 -15.37
CA ASP B 102 47.68 -72.00 -15.76
C ASP B 102 49.15 -71.69 -15.94
N LEU B 103 50.01 -72.36 -15.16
CA LEU B 103 51.44 -72.01 -15.07
C LEU B 103 52.25 -73.04 -15.85
N VAL B 104 52.74 -72.62 -17.03
CA VAL B 104 53.67 -73.46 -17.79
C VAL B 104 55.01 -73.45 -17.07
N LEU B 105 55.26 -74.48 -16.27
CA LEU B 105 56.51 -74.63 -15.53
C LEU B 105 57.49 -75.42 -16.38
N ASN B 106 58.74 -74.94 -16.43
CA ASN B 106 59.69 -75.41 -17.43
C ASN B 106 61.09 -75.62 -16.87
N TYR B 107 61.23 -76.00 -15.59
CA TYR B 107 62.56 -76.16 -15.04
C TYR B 107 63.35 -77.30 -15.67
N PRO B 108 62.89 -78.56 -15.63
CA PRO B 108 63.72 -79.63 -16.21
C PRO B 108 63.86 -79.51 -17.72
N VAL B 109 62.74 -79.32 -18.43
CA VAL B 109 62.73 -79.12 -19.87
C VAL B 109 61.63 -78.11 -20.20
N GLU B 110 61.56 -77.72 -21.47
CA GLU B 110 60.55 -76.79 -21.91
C GLU B 110 59.19 -77.48 -21.99
N LYS B 111 58.14 -76.73 -21.63
CA LYS B 111 56.78 -77.25 -21.58
C LYS B 111 56.71 -78.52 -20.72
N PHE B 112 57.48 -78.51 -19.61
CA PHE B 112 57.51 -79.67 -18.72
C PHE B 112 56.14 -79.93 -18.11
N MET B 113 55.52 -78.90 -17.53
CA MET B 113 54.24 -79.10 -16.89
C MET B 113 53.39 -77.85 -17.03
N THR B 114 52.10 -78.00 -16.76
CA THR B 114 51.15 -76.90 -16.69
C THR B 114 50.36 -77.05 -15.41
N LEU B 115 50.46 -76.07 -14.53
CA LEU B 115 49.93 -76.20 -13.18
C LEU B 115 48.64 -75.40 -13.02
N PRO B 116 47.66 -75.99 -12.33
CA PRO B 116 46.49 -75.22 -11.89
C PRO B 116 46.84 -74.38 -10.67
N VAL B 117 46.82 -73.05 -10.86
CA VAL B 117 47.35 -72.12 -9.87
C VAL B 117 46.27 -71.10 -9.55
N LYS B 118 46.07 -70.83 -8.25
CA LYS B 118 45.14 -69.80 -7.81
C LYS B 118 45.91 -68.78 -6.98
N LEU B 119 45.90 -67.52 -7.42
CA LEU B 119 46.59 -66.45 -6.73
C LEU B 119 45.59 -65.59 -5.97
N SER B 120 46.06 -64.99 -4.87
CA SER B 120 45.25 -64.14 -4.02
C SER B 120 45.97 -62.82 -3.79
N ILE B 121 45.41 -61.74 -4.35
CA ILE B 121 45.84 -60.39 -4.07
C ILE B 121 45.01 -59.85 -2.91
N SER B 122 45.68 -59.36 -1.86
CA SER B 122 45.04 -59.05 -0.60
C SER B 122 45.85 -57.99 0.14
N ASP B 123 45.29 -57.52 1.26
CA ASP B 123 45.95 -56.57 2.16
C ASP B 123 46.47 -55.35 1.42
N ILE B 124 45.74 -54.91 0.39
CA ILE B 124 46.22 -53.82 -0.46
C ILE B 124 46.21 -52.53 0.32
N GLY B 125 47.36 -51.87 0.38
CA GLY B 125 47.50 -50.56 0.99
C GLY B 125 47.75 -49.51 -0.08
N LEU B 126 47.00 -48.41 0.01
CA LEU B 126 47.11 -47.30 -0.91
C LEU B 126 47.17 -46.01 -0.11
N HIS B 127 47.90 -45.03 -0.64
CA HIS B 127 47.95 -43.70 -0.03
C HIS B 127 48.46 -42.72 -1.08
N SER B 128 47.67 -41.70 -1.38
CA SER B 128 48.08 -40.69 -2.36
C SER B 128 47.11 -39.53 -2.27
N LEU B 129 47.29 -38.56 -3.16
CA LEU B 129 46.40 -37.40 -3.24
C LEU B 129 45.52 -37.53 -4.48
N CYS B 130 44.37 -36.85 -4.44
CA CYS B 130 43.41 -36.93 -5.52
C CYS B 130 42.71 -35.60 -5.70
N ILE B 131 42.24 -35.34 -6.92
CA ILE B 131 41.40 -34.18 -7.21
C ILE B 131 40.14 -34.69 -7.89
N VAL B 132 39.04 -34.00 -7.63
CA VAL B 132 37.75 -34.35 -8.22
C VAL B 132 37.08 -33.07 -8.70
N ALA B 133 36.76 -33.01 -9.99
CA ALA B 133 36.15 -31.83 -10.60
C ALA B 133 34.74 -32.19 -11.06
N CYS B 134 33.75 -31.55 -10.44
CA CYS B 134 32.36 -31.62 -10.87
C CYS B 134 32.00 -30.34 -11.60
N LEU B 135 31.50 -30.48 -12.83
CA LEU B 135 31.29 -29.33 -13.70
C LEU B 135 29.83 -29.20 -14.11
N SER B 136 28.93 -29.32 -13.14
CA SER B 136 27.49 -29.25 -13.34
C SER B 136 26.96 -30.05 -14.54
N LYS B 137 26.97 -31.38 -14.45
CA LYS B 137 27.54 -32.09 -13.31
C LYS B 137 28.50 -33.18 -13.77
N GLN B 138 29.16 -32.96 -14.91
CA GLN B 138 30.13 -33.93 -15.41
C GLN B 138 31.23 -34.13 -14.38
N LEU B 139 31.49 -35.39 -14.05
CA LEU B 139 32.36 -35.76 -12.94
C LEU B 139 33.69 -36.27 -13.49
N PHE B 140 34.79 -35.77 -12.93
CA PHE B 140 36.13 -36.20 -13.32
C PHE B 140 36.99 -36.38 -12.08
N LEU B 141 37.96 -37.29 -12.17
CA LEU B 141 38.80 -37.67 -11.04
C LEU B 141 40.22 -37.88 -11.51
N SER B 142 41.19 -37.50 -10.68
CA SER B 142 42.60 -37.68 -11.06
C SER B 142 43.45 -37.95 -9.82
N PHE B 143 44.51 -38.73 -10.04
CA PHE B 143 45.48 -39.11 -9.02
C PHE B 143 46.76 -38.31 -9.20
N LEU B 144 47.54 -38.20 -8.10
CA LEU B 144 48.68 -37.29 -8.07
C LEU B 144 50.02 -37.95 -7.71
N CYS B 145 50.03 -39.00 -6.88
CA CYS B 145 51.30 -39.66 -6.59
C CYS B 145 51.85 -40.28 -7.88
N ASP B 146 53.12 -40.00 -8.17
CA ASP B 146 53.65 -40.14 -9.51
C ASP B 146 54.03 -41.57 -9.90
N GLY B 147 55.27 -41.96 -9.60
CA GLY B 147 55.84 -43.18 -10.16
C GLY B 147 55.19 -44.46 -9.71
N GLY B 148 53.88 -44.57 -9.92
CA GLY B 148 53.13 -45.76 -9.54
C GLY B 148 53.16 -46.09 -8.06
N SER B 149 53.78 -45.26 -7.23
CA SER B 149 53.86 -45.46 -5.78
C SER B 149 52.49 -45.34 -5.09
N ILE B 150 51.39 -45.25 -5.84
CA ILE B 150 50.06 -45.30 -5.23
C ILE B 150 49.84 -46.65 -4.56
N VAL B 151 50.24 -47.73 -5.23
CA VAL B 151 50.28 -49.04 -4.59
C VAL B 151 51.52 -49.08 -3.71
N ARG B 152 51.32 -48.98 -2.40
CA ARG B 152 52.42 -49.06 -1.45
C ARG B 152 52.49 -50.41 -0.73
N SER B 153 51.34 -51.07 -0.53
CA SER B 153 51.27 -52.35 0.15
C SER B 153 50.40 -53.30 -0.64
N MET B 154 50.84 -54.56 -0.74
CA MET B 154 50.10 -55.60 -1.45
C MET B 154 50.63 -56.95 -1.00
N LYS B 155 49.74 -57.95 -0.96
CA LYS B 155 50.10 -59.28 -0.47
C LYS B 155 49.47 -60.31 -1.41
N ILE B 156 50.30 -60.90 -2.26
CA ILE B 156 49.85 -61.89 -3.23
C ILE B 156 50.42 -63.24 -2.80
N GLU B 157 49.54 -64.17 -2.43
CA GLU B 157 49.97 -65.51 -2.09
C GLU B 157 49.36 -66.52 -3.04
N THR B 158 50.04 -67.65 -3.19
CA THR B 158 49.76 -68.59 -4.28
C THR B 158 49.44 -69.97 -3.73
N GLU B 159 48.33 -70.54 -4.21
CA GLU B 159 47.97 -71.93 -3.94
C GLU B 159 48.16 -72.75 -5.21
N ILE B 160 49.02 -73.77 -5.12
CA ILE B 160 49.19 -74.77 -6.15
C ILE B 160 48.72 -76.10 -5.59
N GLY B 161 49.11 -77.20 -6.23
CA GLY B 161 48.79 -78.51 -5.68
C GLY B 161 49.71 -78.89 -4.53
N GLU B 162 49.19 -79.75 -3.66
CA GLU B 162 50.00 -80.26 -2.56
C GLU B 162 51.18 -81.09 -3.05
N GLN B 163 51.11 -81.62 -4.26
CA GLN B 163 52.16 -82.48 -4.78
C GLN B 163 53.38 -81.70 -5.26
N TYR B 164 53.20 -80.44 -5.62
CA TYR B 164 54.29 -79.59 -6.09
C TYR B 164 54.69 -78.54 -5.07
N GLN B 165 54.25 -78.67 -3.82
CA GLN B 165 54.55 -77.68 -2.78
C GLN B 165 56.01 -77.69 -2.37
N GLY B 166 56.80 -78.66 -2.82
CA GLY B 166 58.14 -78.83 -2.29
C GLY B 166 59.29 -78.56 -3.24
N GLN B 167 58.99 -78.29 -4.51
CA GLN B 167 60.03 -78.06 -5.51
C GLN B 167 60.25 -76.55 -5.65
N GLY B 168 61.43 -76.09 -5.24
CA GLY B 168 61.76 -74.68 -5.43
C GLY B 168 61.84 -74.29 -6.89
N SER B 169 62.13 -75.26 -7.76
CA SER B 169 62.12 -75.00 -9.20
C SER B 169 60.74 -74.54 -9.65
N VAL B 170 59.68 -75.13 -9.10
CA VAL B 170 58.33 -74.66 -9.37
C VAL B 170 58.14 -73.26 -8.83
N LEU B 171 58.62 -73.02 -7.61
CA LEU B 171 58.40 -71.75 -6.94
C LEU B 171 59.14 -70.60 -7.63
N ARG B 172 60.15 -70.90 -8.45
CA ARG B 172 60.77 -69.86 -9.26
C ARG B 172 59.77 -69.33 -10.29
N SER B 173 59.18 -70.24 -11.08
CA SER B 173 58.16 -69.81 -12.04
C SER B 173 56.98 -69.17 -11.33
N VAL B 174 56.61 -69.70 -10.15
CA VAL B 174 55.53 -69.10 -9.38
C VAL B 174 55.85 -67.65 -9.05
N GLY B 175 57.07 -67.39 -8.55
CA GLY B 175 57.45 -66.02 -8.24
C GLY B 175 57.46 -65.13 -9.47
N GLU B 176 57.93 -65.66 -10.60
CA GLU B 176 57.92 -64.88 -11.84
C GLU B 176 56.50 -64.45 -12.20
N LEU B 177 55.55 -65.38 -12.13
CA LEU B 177 54.16 -65.03 -12.41
C LEU B 177 53.63 -63.99 -11.42
N GLU B 178 53.95 -64.17 -10.14
CA GLU B 178 53.43 -63.24 -9.13
C GLU B 178 53.92 -61.82 -9.38
N GLN B 179 55.24 -61.64 -9.54
CA GLN B 179 55.74 -60.29 -9.75
C GLN B 179 55.37 -59.74 -11.12
N PHE B 180 55.12 -60.61 -12.11
CA PHE B 180 54.51 -60.13 -13.34
C PHE B 180 53.13 -59.54 -13.06
N LEU B 181 52.34 -60.23 -12.23
CA LEU B 181 51.04 -59.72 -11.85
C LEU B 181 51.15 -58.38 -11.12
N PHE B 182 52.18 -58.24 -10.29
CA PHE B 182 52.42 -56.98 -9.61
C PHE B 182 52.76 -55.87 -10.62
N THR B 183 53.62 -56.19 -11.59
CA THR B 183 54.05 -55.16 -12.54
C THR B 183 52.91 -54.75 -13.47
N ILE B 184 52.09 -55.70 -13.90
CA ILE B 184 50.93 -55.32 -14.70
C ILE B 184 49.87 -54.67 -13.84
N PHE B 185 49.90 -54.89 -12.52
CA PHE B 185 49.00 -54.20 -11.61
C PHE B 185 49.33 -52.72 -11.54
N LYS B 186 50.57 -52.40 -11.11
CA LYS B 186 51.01 -51.02 -11.06
C LYS B 186 51.00 -50.36 -12.44
N ASP B 187 51.24 -51.14 -13.49
CA ASP B 187 51.17 -50.60 -14.85
C ASP B 187 49.73 -50.22 -15.19
N PHE B 188 48.77 -51.08 -14.85
CA PHE B 188 47.36 -50.75 -15.03
C PHE B 188 47.00 -49.47 -14.32
N LEU B 189 47.40 -49.34 -13.04
CA LEU B 189 46.99 -48.17 -12.28
C LEU B 189 47.67 -46.89 -12.77
N ARG B 190 48.99 -46.92 -12.96
CA ARG B 190 49.68 -45.70 -13.38
C ARG B 190 49.33 -45.31 -14.82
N LYS B 191 48.96 -46.28 -15.65
CA LYS B 191 48.54 -45.93 -17.01
C LYS B 191 47.11 -45.40 -17.04
N GLU B 192 46.22 -45.95 -16.21
CA GLU B 192 44.83 -45.51 -16.24
C GLU B 192 44.61 -44.20 -15.48
N LEU B 193 45.30 -43.97 -14.37
CA LEU B 193 44.84 -42.96 -13.43
C LEU B 193 45.88 -41.90 -13.06
N ALA B 194 47.16 -42.26 -13.04
CA ALA B 194 48.18 -41.34 -12.58
C ALA B 194 48.17 -40.05 -13.41
N TRP B 195 48.54 -38.95 -12.75
CA TRP B 195 48.60 -37.65 -13.42
C TRP B 195 49.52 -37.75 -14.63
N PRO B 196 49.08 -37.22 -15.78
CA PRO B 196 47.89 -36.38 -15.99
C PRO B 196 46.58 -37.14 -16.16
N SER B 197 46.65 -38.44 -16.49
CA SER B 197 45.49 -39.19 -16.94
C SER B 197 44.30 -39.02 -15.98
N TRP B 198 43.11 -38.80 -16.57
CA TRP B 198 41.88 -38.66 -15.82
C TRP B 198 40.75 -39.35 -16.57
N ILE B 199 39.63 -39.55 -15.89
CA ILE B 199 38.53 -40.34 -16.43
C ILE B 199 37.23 -39.84 -15.82
N ASN B 200 36.14 -40.04 -16.56
CA ASN B 200 34.79 -39.78 -16.06
C ASN B 200 34.11 -41.10 -15.69
N LEU B 201 33.15 -41.02 -14.79
CA LEU B 201 32.43 -42.20 -14.30
C LEU B 201 30.94 -41.95 -14.44
N ASP B 202 30.30 -42.65 -15.38
CA ASP B 202 28.87 -42.53 -15.62
C ASP B 202 28.33 -43.75 -16.37
N ASN C 5 9.33 3.37 28.63
CA ASN C 5 10.47 3.24 29.53
C ASN C 5 11.73 3.79 28.88
N GLU C 6 12.65 2.91 28.48
CA GLU C 6 13.95 3.30 27.97
C GLU C 6 14.07 3.08 26.46
N ARG C 7 12.94 3.09 25.75
CA ARG C 7 13.00 3.04 24.29
C ARG C 7 13.38 4.38 23.67
N SER C 8 13.57 5.42 24.48
CA SER C 8 14.20 6.63 23.97
C SER C 8 15.65 6.37 23.59
N ARG C 9 16.29 5.38 24.21
CA ARG C 9 17.63 4.96 23.81
C ARG C 9 17.65 4.53 22.35
N GLN C 10 16.59 3.86 21.88
CA GLN C 10 16.53 3.44 20.49
C GLN C 10 16.42 4.64 19.56
N ILE C 11 15.59 5.62 19.91
CA ILE C 11 15.55 6.87 19.16
C ILE C 11 16.93 7.51 19.13
N ASP C 12 17.68 7.39 20.24
CA ASP C 12 19.03 7.93 20.28
C ASP C 12 19.97 7.18 19.35
N ASP C 13 19.80 5.86 19.23
CA ASP C 13 20.62 5.09 18.30
C ASP C 13 20.29 5.45 16.86
N ILE C 14 19.01 5.67 16.56
CA ILE C 14 18.60 6.13 15.23
C ILE C 14 19.26 7.47 14.92
N LEU C 15 19.04 8.46 15.78
CA LEU C 15 19.56 9.80 15.52
C LEU C 15 21.09 9.81 15.44
N GLU C 16 21.74 8.97 16.24
CA GLU C 16 23.20 8.89 16.19
C GLU C 16 23.68 8.26 14.90
N LYS C 17 23.04 7.18 14.45
CA LYS C 17 23.48 6.48 13.24
C LYS C 17 22.80 6.99 11.98
N THR C 18 22.31 8.24 11.98
CA THR C 18 21.67 8.81 10.79
C THR C 18 22.16 10.21 10.48
N TYR C 19 23.27 10.65 11.07
CA TYR C 19 23.83 11.98 10.81
C TYR C 19 22.82 13.08 11.14
N TYR C 20 22.14 12.94 12.29
CA TYR C 20 21.04 13.82 12.62
C TYR C 20 21.02 14.13 14.11
N ASN C 21 20.79 15.39 14.44
CA ASN C 21 20.56 15.82 15.81
C ASN C 21 19.33 16.73 15.83
N VAL C 22 18.46 16.50 16.81
CA VAL C 22 17.14 17.14 16.79
C VAL C 22 17.24 18.64 16.99
N ASP C 23 18.18 19.11 17.81
CA ASP C 23 18.27 20.53 18.13
C ASP C 23 19.13 21.31 17.15
N THR C 24 19.99 20.65 16.38
CA THR C 24 20.98 21.34 15.56
C THR C 24 20.77 21.20 14.06
N HIS C 25 20.20 20.10 13.59
CA HIS C 25 20.14 19.84 12.16
C HIS C 25 19.19 20.84 11.48
N PRO C 26 19.53 21.30 10.28
CA PRO C 26 18.66 22.25 9.57
C PRO C 26 17.56 21.55 8.78
N ALA C 27 16.62 22.35 8.30
CA ALA C 27 15.53 21.86 7.47
C ALA C 27 16.05 21.48 6.08
N GLU C 28 15.30 20.60 5.41
CA GLU C 28 15.73 20.02 4.15
C GLU C 28 14.83 20.47 3.01
N SER C 29 15.39 20.47 1.79
CA SER C 29 14.76 21.13 0.66
C SER C 29 13.48 20.44 0.22
N LEU C 30 13.54 19.10 0.06
CA LEU C 30 12.37 18.26 -0.19
C LEU C 30 11.75 18.47 -1.57
N ASP C 31 12.50 19.01 -2.54
CA ASP C 31 11.90 19.33 -3.84
C ASP C 31 11.67 18.11 -4.70
N TRP C 32 12.57 17.11 -4.65
CA TRP C 32 12.35 15.86 -5.36
C TRP C 32 11.00 15.26 -5.01
N PHE C 33 10.60 15.38 -3.74
CA PHE C 33 9.27 14.96 -3.31
C PHE C 33 8.20 15.67 -4.11
N ASN C 34 8.34 16.99 -4.29
CA ASN C 34 7.36 17.73 -5.08
C ASN C 34 7.39 17.32 -6.54
N VAL C 35 8.54 16.85 -7.03
CA VAL C 35 8.64 16.44 -8.43
C VAL C 35 7.89 15.13 -8.66
N LEU C 36 8.24 14.09 -7.91
CA LEU C 36 7.56 12.81 -8.08
C LEU C 36 6.07 12.93 -7.72
N ILE C 37 5.76 13.68 -6.65
CA ILE C 37 4.38 13.95 -6.30
C ILE C 37 3.66 14.64 -7.46
N GLY C 38 4.32 15.61 -8.09
CA GLY C 38 3.74 16.26 -9.25
C GLY C 38 3.46 15.30 -10.38
N GLN C 39 4.35 14.32 -10.59
CA GLN C 39 4.12 13.30 -11.60
C GLN C 39 2.87 12.49 -11.27
N THR C 40 2.77 11.99 -10.02
CA THR C 40 1.62 11.18 -9.65
C THR C 40 0.32 11.95 -9.78
N ILE C 41 0.27 13.17 -9.23
CA ILE C 41 -0.97 13.94 -9.24
C ILE C 41 -1.35 14.34 -10.66
N GLN C 42 -0.36 14.64 -11.51
CA GLN C 42 -0.67 14.86 -12.92
C GLN C 42 -1.26 13.61 -13.55
N GLN C 43 -0.78 12.43 -13.14
CA GLN C 43 -1.32 11.19 -13.68
C GLN C 43 -2.76 10.97 -13.22
N LEU C 44 -3.08 11.29 -11.97
CA LEU C 44 -4.46 11.16 -11.52
C LEU C 44 -5.36 12.21 -12.16
N ARG C 45 -4.80 13.37 -12.52
CA ARG C 45 -5.61 14.40 -13.18
C ARG C 45 -5.90 14.03 -14.63
N GLU C 46 -4.89 13.55 -15.36
CA GLU C 46 -5.05 13.30 -16.78
C GLU C 46 -6.07 12.21 -17.07
N GLU C 47 -6.36 11.34 -16.09
CA GLU C 47 -7.42 10.35 -16.25
C GLU C 47 -8.76 11.05 -16.32
N ALA C 48 -9.41 11.02 -17.49
CA ALA C 48 -10.73 11.62 -17.63
C ALA C 48 -11.80 10.90 -16.83
N TRP C 49 -11.49 9.71 -16.29
CA TRP C 49 -12.50 8.93 -15.61
C TRP C 49 -12.66 9.34 -14.15
N LYS C 50 -11.59 9.78 -13.49
CA LYS C 50 -11.70 10.12 -12.08
C LYS C 50 -12.56 11.34 -11.83
N LYS C 51 -12.77 12.17 -12.86
CA LYS C 51 -13.72 13.27 -12.74
C LYS C 51 -15.12 12.75 -12.39
N ASP C 52 -15.62 11.81 -13.19
CA ASP C 52 -16.91 11.19 -12.88
C ASP C 52 -16.82 10.27 -11.66
N ASN C 53 -15.65 9.69 -11.41
CA ASN C 53 -15.48 8.82 -10.26
C ASN C 53 -15.72 9.57 -8.95
N ILE C 54 -15.15 10.77 -8.82
CA ILE C 54 -15.31 11.53 -7.59
C ILE C 54 -16.53 12.44 -7.62
N VAL C 55 -17.05 12.78 -8.81
CA VAL C 55 -18.42 13.29 -8.88
C VAL C 55 -19.36 12.29 -8.20
N TYR C 56 -19.26 11.03 -8.61
CA TYR C 56 -20.03 9.96 -7.98
C TYR C 56 -19.71 9.83 -6.50
N SER C 57 -18.43 9.91 -6.12
CA SER C 57 -18.07 9.74 -4.72
C SER C 57 -18.68 10.83 -3.85
N LEU C 58 -18.72 12.07 -4.35
CA LEU C 58 -19.33 13.16 -3.60
C LEU C 58 -20.83 12.97 -3.50
N ASN C 59 -21.49 12.60 -4.61
CA ASN C 59 -22.92 12.32 -4.51
C ASN C 59 -23.21 11.19 -3.52
N ALA C 60 -22.31 10.20 -3.44
CA ALA C 60 -22.50 9.10 -2.50
C ALA C 60 -22.30 9.56 -1.05
N PHE C 61 -21.36 10.48 -0.82
CA PHE C 61 -21.19 11.02 0.52
C PHE C 61 -22.38 11.90 0.91
N ILE C 62 -23.03 12.53 -0.07
CA ILE C 62 -24.21 13.34 0.23
C ILE C 62 -25.39 12.44 0.56
N GLU C 63 -25.56 11.33 -0.16
CA GLU C 63 -26.74 10.50 0.02
C GLU C 63 -26.79 9.87 1.41
N ARG C 64 -25.62 9.49 1.96
CA ARG C 64 -25.60 8.74 3.22
C ARG C 64 -26.15 9.56 4.38
N LYS C 65 -25.91 10.87 4.39
CA LYS C 65 -26.32 11.71 5.52
C LYS C 65 -26.88 13.02 5.01
N ALA C 66 -28.17 13.24 5.25
CA ALA C 66 -28.79 14.55 5.11
C ALA C 66 -29.11 15.18 6.46
N GLN C 67 -28.63 14.57 7.56
CA GLN C 67 -28.90 15.01 8.92
C GLN C 67 -27.92 16.08 9.37
N GLU C 68 -26.62 15.82 9.24
CA GLU C 68 -25.60 16.78 9.64
C GLU C 68 -25.64 18.06 8.82
N LEU C 69 -26.36 18.05 7.72
CA LEU C 69 -26.58 19.17 6.80
C LEU C 69 -27.71 20.05 7.31
N PRO C 70 -27.61 21.36 7.12
CA PRO C 70 -28.72 22.25 7.50
C PRO C 70 -30.03 21.84 6.85
N SER C 71 -31.11 21.89 7.63
CA SER C 71 -32.40 21.40 7.18
C SER C 71 -33.10 22.35 6.22
N TYR C 72 -32.68 23.61 6.15
CA TYR C 72 -33.30 24.52 5.20
C TYR C 72 -32.87 24.25 3.77
N LEU C 73 -31.93 23.33 3.55
CA LEU C 73 -31.52 22.91 2.22
C LEU C 73 -32.23 21.62 1.84
N ASP C 74 -32.34 21.39 0.52
CA ASP C 74 -33.10 20.25 0.02
C ASP C 74 -32.15 19.16 -0.47
N SER C 75 -32.15 18.89 -1.78
CA SER C 75 -31.29 17.89 -2.40
C SER C 75 -30.11 18.58 -3.06
N ILE C 76 -29.00 17.86 -3.14
CA ILE C 76 -27.70 18.44 -3.49
C ILE C 76 -27.13 17.67 -4.68
N LYS C 77 -27.01 18.34 -5.82
CA LYS C 77 -26.43 17.77 -7.02
C LYS C 77 -25.18 18.56 -7.40
N ILE C 78 -24.19 17.83 -7.92
CA ILE C 78 -22.95 18.44 -8.41
C ILE C 78 -22.98 18.42 -9.93
N THR C 79 -22.92 19.62 -10.54
CA THR C 79 -22.91 19.75 -11.99
C THR C 79 -21.57 20.23 -12.54
N GLU C 80 -20.72 20.81 -11.70
CA GLU C 80 -19.45 21.36 -12.13
C GLU C 80 -18.34 20.82 -11.24
N LEU C 81 -17.21 20.46 -11.86
CA LEU C 81 -16.06 19.97 -11.11
C LEU C 81 -14.79 20.20 -11.90
N ASP C 82 -13.82 20.85 -11.26
CA ASP C 82 -12.50 21.06 -11.83
C ASP C 82 -11.44 20.71 -10.80
N ILE C 83 -10.33 20.17 -11.28
CA ILE C 83 -9.28 19.68 -10.40
C ILE C 83 -8.11 20.66 -10.31
N GLY C 84 -7.71 21.26 -11.44
CA GLY C 84 -6.70 22.30 -11.44
C GLY C 84 -5.61 22.01 -12.46
N HIS C 85 -4.58 22.86 -12.44
CA HIS C 85 -3.42 22.70 -13.31
C HIS C 85 -2.10 22.95 -12.60
N ASP C 86 -2.10 23.14 -11.28
CA ASP C 86 -0.89 23.39 -10.51
C ASP C 86 -0.68 22.25 -9.51
N PHE C 87 0.40 22.35 -8.73
CA PHE C 87 0.86 21.26 -7.89
C PHE C 87 1.30 21.79 -6.54
N PRO C 88 1.32 20.95 -5.52
CA PRO C 88 1.71 21.40 -4.18
C PRO C 88 3.22 21.40 -3.97
N ILE C 89 3.67 22.28 -3.08
CA ILE C 89 5.08 22.49 -2.80
C ILE C 89 5.31 22.30 -1.31
N PHE C 90 6.22 21.40 -0.95
CA PHE C 90 6.65 21.21 0.42
C PHE C 90 8.01 21.84 0.66
N SER C 91 8.24 22.23 1.91
CA SER C 91 9.54 22.73 2.36
C SER C 91 9.51 22.75 3.88
N ASN C 92 10.68 23.04 4.47
CA ASN C 92 10.85 23.04 5.91
C ASN C 92 10.38 21.71 6.50
N CYS C 93 11.25 20.70 6.46
CA CYS C 93 11.00 19.39 7.02
C CYS C 93 11.86 19.20 8.25
N ARG C 94 11.22 19.04 9.40
CA ARG C 94 11.90 18.91 10.68
C ARG C 94 11.70 17.50 11.24
N ILE C 95 12.39 17.23 12.34
CA ILE C 95 12.21 16.00 13.10
C ILE C 95 12.16 16.37 14.58
N GLN C 96 11.09 15.97 15.26
CA GLN C 96 10.88 16.32 16.65
C GLN C 96 10.35 15.10 17.39
N TYR C 97 10.37 15.20 18.72
CA TYR C 97 9.83 14.16 19.57
C TYR C 97 8.31 14.29 19.64
N SER C 98 7.65 13.15 19.85
CA SER C 98 6.19 13.15 19.90
C SER C 98 5.70 13.77 21.21
N PRO C 99 4.76 14.69 21.16
CA PRO C 99 4.31 15.38 22.39
C PRO C 99 3.45 14.46 23.27
N ASN C 100 3.37 14.85 24.55
CA ASN C 100 2.55 14.17 25.55
C ASN C 100 2.99 12.72 25.80
N SER C 101 3.88 12.20 24.97
CA SER C 101 4.36 10.83 25.07
C SER C 101 5.63 10.71 25.89
N ASN C 102 6.08 11.79 26.53
CA ASN C 102 7.28 11.79 27.35
C ASN C 102 8.52 11.42 26.56
N GLY C 103 8.52 11.72 25.26
CA GLY C 103 9.64 11.39 24.39
C GLY C 103 9.64 9.95 23.95
N ARG C 104 8.51 9.48 23.40
CA ARG C 104 8.39 8.10 22.93
C ARG C 104 8.77 7.97 21.45
N LYS C 105 8.05 8.66 20.58
CA LYS C 105 8.18 8.49 19.14
C LYS C 105 8.72 9.76 18.49
N LEU C 106 9.20 9.61 17.26
CA LEU C 106 9.72 10.70 16.46
C LEU C 106 8.74 11.04 15.36
N GLU C 107 8.91 12.23 14.77
CA GLU C 107 7.99 12.68 13.74
C GLU C 107 8.60 13.82 12.93
N ALA C 108 8.46 13.75 11.62
CA ALA C 108 8.80 14.84 10.73
C ALA C 108 7.71 15.92 10.76
N LYS C 109 8.11 17.15 10.44
CA LYS C 109 7.27 18.33 10.56
C LYS C 109 7.51 19.19 9.33
N ILE C 110 6.65 19.06 8.33
CA ILE C 110 6.85 19.65 7.01
C ILE C 110 5.86 20.79 6.81
N ASP C 111 6.37 21.96 6.44
CA ASP C 111 5.49 23.05 6.02
C ASP C 111 4.97 22.77 4.62
N ILE C 112 3.78 23.31 4.32
CA ILE C 112 3.12 23.03 3.05
C ILE C 112 2.38 24.27 2.59
N ASP C 113 2.47 24.57 1.28
CA ASP C 113 1.76 25.66 0.62
C ASP C 113 1.31 25.21 -0.75
N LEU C 114 0.12 25.66 -1.17
CA LEU C 114 -0.44 25.28 -2.46
C LEU C 114 -1.32 26.40 -2.98
N ASN C 115 -1.22 26.66 -4.29
CA ASN C 115 -2.01 27.69 -4.95
C ASN C 115 -2.52 27.14 -6.28
N ASP C 116 -3.84 27.08 -6.44
CA ASP C 116 -4.46 26.65 -7.69
C ASP C 116 -5.94 27.02 -7.68
N ARG C 117 -6.72 26.38 -8.54
CA ARG C 117 -8.17 26.58 -8.63
C ARG C 117 -8.84 25.24 -8.32
N LEU C 118 -9.47 25.13 -7.14
CA LEU C 118 -10.16 23.89 -6.79
C LEU C 118 -11.66 24.17 -6.68
N ALA C 119 -12.44 23.62 -7.61
CA ALA C 119 -13.83 24.04 -7.77
C ALA C 119 -14.79 22.87 -7.59
N VAL C 120 -16.07 23.23 -7.41
CA VAL C 120 -17.18 22.29 -7.36
C VAL C 120 -18.47 23.07 -7.56
N GLY C 121 -19.37 22.51 -8.38
CA GLY C 121 -20.62 23.18 -8.69
C GLY C 121 -21.86 22.52 -8.10
N ILE C 122 -22.47 23.20 -7.12
CA ILE C 122 -23.61 22.68 -6.39
C ILE C 122 -24.89 23.27 -6.97
N GLU C 123 -26.01 22.57 -6.74
CA GLU C 123 -27.32 22.98 -7.21
C GLU C 123 -28.34 22.52 -6.18
N THR C 124 -28.86 23.46 -5.37
CA THR C 124 -29.67 23.10 -4.22
C THR C 124 -30.94 23.94 -4.18
N ARG C 125 -31.83 23.61 -3.24
CA ARG C 125 -33.08 24.31 -3.01
C ARG C 125 -33.23 24.59 -1.52
N LEU C 126 -34.17 25.48 -1.18
CA LEU C 126 -34.34 25.96 0.19
C LEU C 126 -35.79 25.75 0.65
N LEU C 127 -36.03 24.62 1.31
CA LEU C 127 -37.36 24.26 1.78
C LEU C 127 -37.62 24.78 3.19
N LEU C 128 -38.91 24.97 3.50
CA LEU C 128 -39.34 25.45 4.80
C LEU C 128 -40.71 24.87 5.13
N ASN C 129 -40.93 24.56 6.42
CA ASN C 129 -42.13 23.89 6.90
C ASN C 129 -42.55 24.39 8.30
N TYR C 130 -43.83 24.22 8.69
CA TYR C 130 -44.85 23.54 7.89
C TYR C 130 -45.84 24.44 7.12
N PRO C 131 -45.40 25.62 6.66
CA PRO C 131 -46.08 26.07 5.45
C PRO C 131 -45.25 25.71 4.21
N LYS C 132 -45.92 25.12 3.21
CA LYS C 132 -47.37 24.99 3.26
C LYS C 132 -47.99 23.62 3.62
N PRO C 133 -47.20 22.59 3.98
CA PRO C 133 -45.75 22.33 4.04
C PRO C 133 -45.12 22.34 2.65
N LEU C 134 -43.78 22.33 2.62
CA LEU C 134 -42.98 22.42 1.40
C LEU C 134 -43.13 23.79 0.73
N THR C 135 -42.05 24.55 0.73
CA THR C 135 -41.97 25.87 0.16
C THR C 135 -41.50 25.80 -1.29
N ALA C 136 -41.78 26.86 -2.04
CA ALA C 136 -41.21 27.02 -3.38
C ALA C 136 -39.74 27.40 -3.27
N SER C 137 -38.98 26.46 -2.72
CA SER C 137 -37.54 26.53 -2.58
C SER C 137 -36.86 27.16 -3.79
N LEU C 138 -36.22 28.28 -3.58
CA LEU C 138 -35.52 28.89 -4.70
C LEU C 138 -34.22 28.13 -4.98
N PRO C 139 -33.82 28.04 -6.25
CA PRO C 139 -32.62 27.28 -6.60
C PRO C 139 -31.34 28.07 -6.43
N ILE C 140 -30.27 27.35 -6.11
CA ILE C 140 -28.95 27.95 -5.93
C ILE C 140 -27.95 27.14 -6.76
N ASN C 141 -27.26 27.81 -7.67
CA ASN C 141 -26.05 27.31 -8.31
C ASN C 141 -24.87 27.87 -7.54
N VAL C 142 -24.19 27.01 -6.81
CA VAL C 142 -23.14 27.40 -5.86
C VAL C 142 -21.83 26.82 -6.37
N THR C 143 -21.08 27.60 -7.14
CA THR C 143 -19.74 27.17 -7.54
C THR C 143 -18.75 27.69 -6.50
N VAL C 144 -18.06 26.76 -5.83
CA VAL C 144 -17.17 27.06 -4.72
C VAL C 144 -15.77 26.61 -5.08
N SER C 145 -14.76 27.37 -4.62
CA SER C 145 -13.37 27.12 -4.98
C SER C 145 -12.45 27.38 -3.81
N ILE C 146 -11.25 26.80 -3.87
CA ILE C 146 -10.17 27.06 -2.94
C ILE C 146 -8.96 27.49 -3.75
N ILE C 147 -8.17 28.41 -3.17
CA ILE C 147 -7.09 29.02 -3.92
C ILE C 147 -5.73 28.89 -3.23
N ARG C 148 -5.69 28.96 -1.90
CA ARG C 148 -4.42 28.85 -1.19
C ARG C 148 -4.56 27.93 0.02
N PHE C 149 -3.47 27.24 0.33
CA PHE C 149 -3.42 26.37 1.51
C PHE C 149 -2.01 26.39 2.09
N GLN C 150 -1.87 26.94 3.30
CA GLN C 150 -0.63 26.87 4.07
C GLN C 150 -0.89 26.13 5.38
N ALA C 151 -0.02 25.18 5.69
CA ALA C 151 -0.22 24.38 6.90
C ALA C 151 1.12 23.88 7.40
N CYS C 152 1.11 23.46 8.67
CA CYS C 152 2.27 22.86 9.33
C CYS C 152 1.91 21.41 9.65
N LEU C 153 2.53 20.48 8.93
CA LEU C 153 2.12 19.09 8.90
C LEU C 153 3.08 18.23 9.71
N THR C 154 2.55 17.12 10.25
CA THR C 154 3.34 16.16 11.02
C THR C 154 3.14 14.78 10.42
N VAL C 155 4.26 14.13 10.06
CA VAL C 155 4.24 12.76 9.54
C VAL C 155 5.09 11.90 10.46
N SER C 156 4.75 10.62 10.56
CA SER C 156 5.57 9.67 11.31
C SER C 156 5.19 8.26 10.87
N LEU C 157 5.89 7.28 11.43
CA LEU C 157 5.69 5.88 11.03
C LEU C 157 5.74 4.96 12.24
N PHE C 180 2.63 1.35 9.27
CA PHE C 180 1.48 2.22 9.01
C PHE C 180 1.89 3.70 9.00
N LEU C 181 1.05 4.53 8.40
CA LEU C 181 1.35 5.94 8.20
C LEU C 181 0.65 6.78 9.27
N MET C 182 1.32 7.85 9.70
CA MET C 182 0.79 8.77 10.70
C MET C 182 1.03 10.19 10.23
N PHE C 183 -0.02 11.00 10.11
CA PHE C 183 0.15 12.38 9.70
C PHE C 183 -1.10 13.18 10.03
N SER C 184 -0.92 14.47 10.29
CA SER C 184 -2.02 15.37 10.60
C SER C 184 -1.53 16.81 10.47
N PHE C 185 -2.43 17.75 10.70
CA PHE C 185 -2.17 19.17 10.47
C PHE C 185 -2.22 19.95 11.78
N ALA C 186 -1.45 21.03 11.83
CA ALA C 186 -1.56 21.98 12.93
C ALA C 186 -2.84 22.79 12.77
N PRO C 187 -3.52 23.11 13.87
CA PRO C 187 -4.79 23.85 13.75
C PRO C 187 -4.63 25.26 13.23
N GLU C 188 -3.44 25.85 13.31
CA GLU C 188 -3.20 27.20 12.77
C GLU C 188 -2.76 27.10 11.31
N TYR C 189 -3.71 26.72 10.47
CA TYR C 189 -3.51 26.59 9.04
C TYR C 189 -4.25 27.70 8.30
N ARG C 190 -3.85 27.90 7.04
CA ARG C 190 -4.44 28.91 6.17
C ARG C 190 -5.26 28.22 5.10
N MET C 191 -6.51 28.64 4.95
CA MET C 191 -7.40 28.15 3.90
C MET C 191 -8.17 29.33 3.34
N GLU C 192 -8.05 29.58 2.04
CA GLU C 192 -8.63 30.76 1.41
C GLU C 192 -9.59 30.31 0.30
N PHE C 193 -10.84 30.74 0.41
CA PHE C 193 -11.95 30.27 -0.40
C PHE C 193 -12.37 31.34 -1.39
N GLU C 194 -13.19 30.91 -2.36
CA GLU C 194 -13.64 31.77 -3.45
C GLU C 194 -14.98 31.21 -3.92
N THR C 195 -16.07 31.81 -3.43
CA THR C 195 -17.42 31.27 -3.61
C THR C 195 -18.26 32.20 -4.47
N GLN C 196 -19.11 31.61 -5.33
CA GLN C 196 -20.09 32.37 -6.08
C GLN C 196 -21.38 31.57 -6.17
N SER C 197 -22.49 32.30 -6.29
CA SER C 197 -23.81 31.68 -6.31
C SER C 197 -24.75 32.52 -7.15
N LEU C 198 -25.58 31.84 -7.95
CA LEU C 198 -26.71 32.46 -8.62
C LEU C 198 -27.99 31.79 -8.15
N ILE C 199 -29.05 32.58 -7.99
CA ILE C 199 -30.29 32.11 -7.39
C ILE C 199 -31.44 32.11 -8.39
N GLY C 200 -31.62 33.21 -9.10
CA GLY C 200 -32.58 33.27 -10.18
C GLY C 200 -32.00 34.04 -11.36
N ALA C 201 -31.33 35.14 -11.04
CA ALA C 201 -30.60 35.95 -12.03
C ALA C 201 -29.74 36.97 -11.30
N GLU C 206 -25.87 37.24 -8.79
CA GLU C 206 -25.64 38.01 -7.58
C GLU C 206 -25.18 37.12 -6.42
N ASN C 207 -23.88 37.16 -6.13
CA ASN C 207 -23.31 36.39 -5.04
C ASN C 207 -23.78 36.91 -3.69
N ILE C 208 -23.60 36.08 -2.66
CA ILE C 208 -24.00 36.39 -1.28
C ILE C 208 -22.96 35.81 -0.34
N PRO C 209 -22.51 36.55 0.69
CA PRO C 209 -21.41 36.03 1.52
C PRO C 209 -21.81 34.90 2.45
N LYS C 210 -23.03 34.91 2.98
CA LYS C 210 -23.45 33.85 3.90
C LYS C 210 -23.34 32.49 3.23
N ILE C 211 -23.55 32.43 1.92
CA ILE C 211 -23.35 31.20 1.15
C ILE C 211 -21.94 30.65 1.40
N GLY C 212 -20.93 31.42 1.02
CA GLY C 212 -19.56 31.00 1.18
C GLY C 212 -19.18 30.71 2.62
N SER C 213 -19.76 31.46 3.57
CA SER C 213 -19.47 31.17 4.97
C SER C 213 -20.00 29.80 5.36
N LEU C 214 -21.21 29.45 4.92
CA LEU C 214 -21.78 28.14 5.24
C LEU C 214 -20.94 27.02 4.62
N VAL C 215 -20.60 27.17 3.34
CA VAL C 215 -19.76 26.17 2.68
C VAL C 215 -18.44 26.00 3.45
N GLU C 216 -17.83 27.12 3.86
CA GLU C 216 -16.64 27.06 4.69
C GLU C 216 -16.88 26.26 5.96
N TYR C 217 -18.04 26.46 6.60
CA TYR C 217 -18.37 25.71 7.81
C TYR C 217 -18.31 24.20 7.56
N GLN C 218 -19.09 23.71 6.59
CA GLN C 218 -19.14 22.26 6.39
C GLN C 218 -17.77 21.73 5.95
N ILE C 219 -17.08 22.45 5.06
CA ILE C 219 -15.78 22.01 4.57
C ILE C 219 -14.82 21.81 5.73
N LYS C 220 -14.59 22.87 6.52
CA LYS C 220 -13.66 22.74 7.62
C LYS C 220 -14.17 21.80 8.70
N LYS C 221 -15.47 21.50 8.71
CA LYS C 221 -15.98 20.49 9.64
C LYS C 221 -15.47 19.11 9.26
N TRP C 222 -15.61 18.72 7.98
CA TRP C 222 -15.05 17.44 7.57
C TRP C 222 -13.53 17.43 7.72
N PHE C 223 -12.88 18.53 7.32
CA PHE C 223 -11.42 18.61 7.38
C PHE C 223 -10.91 18.40 8.80
N VAL C 224 -11.41 19.17 9.76
CA VAL C 224 -10.94 19.02 11.14
C VAL C 224 -11.42 17.71 11.74
N GLU C 225 -12.60 17.22 11.31
CA GLU C 225 -13.11 15.97 11.84
C GLU C 225 -12.19 14.80 11.52
N ARG C 226 -11.61 14.77 10.33
CA ARG C 226 -10.83 13.61 9.92
C ARG C 226 -9.32 13.83 9.85
N CYS C 227 -8.82 15.08 9.82
CA CYS C 227 -7.45 15.28 9.39
C CYS C 227 -6.62 16.26 10.21
N VAL C 228 -7.08 16.72 11.37
CA VAL C 228 -6.35 17.75 12.12
C VAL C 228 -6.08 17.28 13.53
N GLU C 229 -4.92 17.68 14.05
CA GLU C 229 -4.57 17.46 15.46
C GLU C 229 -5.69 17.92 16.39
N PRO C 230 -5.99 17.13 17.42
CA PRO C 230 -5.32 15.86 17.73
C PRO C 230 -6.04 14.62 17.20
N ARG C 231 -6.37 14.62 15.90
CA ARG C 231 -6.98 13.47 15.25
C ARG C 231 -6.20 13.15 13.99
N PHE C 232 -5.45 12.05 14.01
CA PHE C 232 -4.59 11.65 12.91
C PHE C 232 -5.30 10.66 12.00
N GLN C 233 -4.63 10.31 10.90
CA GLN C 233 -5.11 9.30 9.97
C GLN C 233 -4.05 8.23 9.80
N PHE C 234 -4.45 6.97 9.97
CA PHE C 234 -3.54 5.83 9.94
C PHE C 234 -3.86 5.00 8.69
N ILE C 235 -2.98 5.07 7.70
CA ILE C 235 -3.14 4.31 6.46
C ILE C 235 -2.28 3.06 6.54
N LYS C 236 -2.81 1.95 6.03
CA LYS C 236 -2.11 0.68 6.08
C LYS C 236 -0.80 0.75 5.30
N LEU C 237 0.25 0.16 5.87
CA LEU C 237 1.57 0.12 5.25
C LEU C 237 1.75 -1.18 4.51
N PRO C 238 1.92 -1.17 3.19
CA PRO C 238 2.15 -2.41 2.44
C PRO C 238 3.58 -2.90 2.61
N SER C 239 3.87 -4.04 1.97
CA SER C 239 5.19 -4.66 2.03
C SER C 239 6.02 -4.21 0.84
N VAL C 240 7.23 -3.72 1.11
CA VAL C 240 8.13 -3.25 0.07
C VAL C 240 9.22 -4.24 -0.29
N TRP C 241 9.38 -5.31 0.49
CA TRP C 241 10.46 -6.25 0.23
C TRP C 241 10.27 -6.92 -1.13
N PRO C 242 11.33 -7.09 -1.90
CA PRO C 242 11.21 -7.70 -3.25
C PRO C 242 10.61 -9.11 -3.20
N ARG C 243 9.54 -9.30 -3.95
CA ARG C 243 8.97 -10.61 -4.23
C ARG C 243 8.90 -10.78 -5.75
N SER C 244 8.89 -12.04 -6.20
CA SER C 244 8.87 -12.30 -7.64
C SER C 244 7.55 -11.91 -8.29
N LYS C 245 6.47 -11.82 -7.51
CA LYS C 245 5.18 -11.37 -8.01
C LYS C 245 5.08 -9.85 -8.13
N ASN C 246 6.20 -9.15 -7.91
CA ASN C 246 6.26 -7.70 -8.01
C ASN C 246 7.34 -7.24 -9.00
N THR C 247 7.72 -8.09 -9.95
CA THR C 247 8.80 -7.80 -10.88
C THR C 247 8.26 -7.74 -12.30
N ARG C 248 8.41 -6.57 -12.92
CA ARG C 248 8.06 -6.34 -14.31
C ARG C 248 9.26 -5.69 -15.01
N GLU C 249 9.10 -5.39 -16.28
CA GLU C 249 10.14 -4.70 -17.05
C GLU C 249 9.49 -4.07 -18.27
N GLY C 250 10.33 -3.49 -19.13
CA GLY C 250 9.86 -2.85 -20.34
C GLY C 250 10.95 -2.11 -21.07
N MET D 1 -36.06 35.01 -9.20
CA MET D 1 -35.99 35.11 -7.75
C MET D 1 -37.34 34.78 -7.12
N SER D 2 -38.11 33.93 -7.80
CA SER D 2 -39.51 33.71 -7.45
C SER D 2 -39.68 32.53 -6.50
N PHE D 3 -40.75 32.58 -5.73
CA PHE D 3 -41.23 31.46 -4.92
C PHE D 3 -42.58 31.05 -5.50
N ASP D 4 -42.56 30.16 -6.48
CA ASP D 4 -43.78 29.75 -7.17
C ASP D 4 -44.25 28.41 -6.60
N ILE D 5 -44.91 28.47 -5.45
CA ILE D 5 -45.65 27.30 -4.99
C ILE D 5 -46.91 27.19 -5.85
N ASN D 6 -47.05 26.07 -6.55
CA ASN D 6 -48.37 25.70 -7.06
C ASN D 6 -49.17 25.27 -5.84
N TRP D 7 -49.61 26.25 -5.05
CA TRP D 7 -50.09 26.02 -3.70
C TRP D 7 -51.48 25.40 -3.68
N SER D 8 -51.76 24.61 -4.72
CA SER D 8 -53.01 23.87 -4.88
C SER D 8 -53.51 23.27 -3.58
N THR D 9 -52.58 22.77 -2.77
CA THR D 9 -52.85 22.23 -1.45
C THR D 9 -53.94 23.03 -0.73
N LEU D 10 -53.67 24.32 -0.52
CA LEU D 10 -54.54 25.11 0.34
C LEU D 10 -55.88 25.42 -0.30
N GLU D 11 -55.98 25.37 -1.64
CA GLU D 11 -57.29 25.58 -2.24
C GLU D 11 -58.25 24.44 -1.89
N SER D 12 -57.72 23.31 -1.43
CA SER D 12 -58.53 22.14 -1.11
C SER D 12 -58.55 21.78 0.37
N ASP D 13 -57.55 22.19 1.14
CA ASP D 13 -57.42 21.75 2.52
C ASP D 13 -58.53 22.35 3.38
N ASN D 14 -59.33 21.49 4.00
CA ASN D 14 -60.32 21.96 4.96
C ASN D 14 -59.68 22.36 6.28
N ARG D 15 -58.53 21.76 6.61
CA ARG D 15 -57.95 21.96 7.94
C ARG D 15 -57.47 23.39 8.13
N LEU D 16 -56.77 23.94 7.14
CA LEU D 16 -56.36 25.34 7.23
C LEU D 16 -57.49 26.30 6.92
N ASN D 17 -58.51 25.83 6.18
CA ASN D 17 -59.71 26.64 5.99
C ASN D 17 -60.40 26.89 7.33
N ASP D 18 -60.49 25.85 8.17
CA ASP D 18 -61.11 25.97 9.49
C ASP D 18 -60.12 26.33 10.58
N LEU D 19 -58.83 26.39 10.26
CA LEU D 19 -57.82 26.86 11.21
C LEU D 19 -57.64 28.37 11.10
N ILE D 20 -57.64 28.89 9.88
CA ILE D 20 -57.71 30.33 9.70
C ILE D 20 -59.13 30.82 9.98
N ARG D 21 -60.14 30.06 9.56
CA ARG D 21 -61.52 30.41 9.88
C ARG D 21 -61.77 30.35 11.38
N LYS D 22 -61.26 29.30 12.05
CA LYS D 22 -61.39 29.20 13.49
C LYS D 22 -60.60 30.31 14.20
N HIS D 23 -59.42 30.65 13.67
CA HIS D 23 -58.63 31.73 14.25
C HIS D 23 -59.37 33.06 14.14
N LEU D 24 -60.06 33.28 13.02
CA LEU D 24 -60.82 34.50 12.84
C LEU D 24 -62.04 34.53 13.75
N ASN D 25 -62.76 33.41 13.86
CA ASN D 25 -63.86 33.32 14.82
C ASN D 25 -63.39 33.65 16.23
N SER D 26 -62.30 33.01 16.66
CA SER D 26 -61.70 33.28 17.96
C SER D 26 -61.39 34.77 18.11
N TYR D 27 -60.84 35.39 17.07
CA TYR D 27 -60.55 36.81 17.15
C TYR D 27 -61.83 37.63 17.30
N LEU D 28 -62.93 37.18 16.70
CA LEU D 28 -64.17 37.94 16.78
C LEU D 28 -64.79 37.84 18.17
N GLN D 29 -64.67 36.69 18.83
CA GLN D 29 -65.36 36.54 20.11
C GLN D 29 -64.67 37.26 21.26
N ASN D 30 -63.36 37.51 21.18
CA ASN D 30 -62.65 38.03 22.34
C ASN D 30 -62.57 39.55 22.37
N THR D 31 -62.50 40.21 21.22
CA THR D 31 -62.31 41.66 21.19
C THR D 31 -63.52 42.38 21.78
N GLN D 32 -63.24 43.50 22.46
CA GLN D 32 -64.31 44.39 22.89
C GLN D 32 -64.99 45.00 21.68
N LEU D 33 -66.32 45.12 21.74
CA LEU D 33 -67.08 45.50 20.57
C LEU D 33 -67.84 46.80 20.81
N PRO D 34 -68.09 47.58 19.74
CA PRO D 34 -68.95 48.75 19.88
C PRO D 34 -70.38 48.34 20.18
N SER D 35 -71.21 49.34 20.48
CA SER D 35 -72.58 49.06 20.87
C SER D 35 -73.48 48.80 19.68
N TYR D 36 -73.13 49.30 18.50
CA TYR D 36 -73.99 49.14 17.33
C TYR D 36 -73.81 47.82 16.62
N VAL D 37 -72.87 46.99 17.03
CA VAL D 37 -72.70 45.65 16.49
C VAL D 37 -73.03 44.64 17.57
N SER D 38 -73.93 43.72 17.26
CA SER D 38 -74.41 42.75 18.23
C SER D 38 -73.56 41.49 18.27
N ASN D 39 -73.35 40.85 17.13
CA ASN D 39 -72.61 39.61 17.06
C ASN D 39 -71.69 39.65 15.86
N LEU D 40 -70.50 39.07 15.99
CA LEU D 40 -69.53 38.97 14.90
C LEU D 40 -69.20 37.49 14.68
N ARG D 41 -69.33 37.05 13.43
CA ARG D 41 -69.12 35.66 13.09
C ARG D 41 -68.49 35.57 11.71
N VAL D 42 -67.64 34.56 11.51
CA VAL D 42 -67.03 34.32 10.21
C VAL D 42 -67.94 33.32 9.49
N LEU D 43 -68.92 33.85 8.76
CA LEU D 43 -69.83 32.99 8.01
C LEU D 43 -69.07 32.14 7.00
N ASP D 44 -68.11 32.73 6.29
CA ASP D 44 -67.39 32.01 5.26
C ASP D 44 -65.96 32.53 5.17
N PHE D 45 -65.11 31.73 4.53
CA PHE D 45 -63.72 32.07 4.34
C PHE D 45 -63.15 31.20 3.22
N ASP D 46 -62.19 31.76 2.48
CA ASP D 46 -61.44 30.99 1.51
C ASP D 46 -60.14 31.72 1.21
N LEU D 47 -59.02 31.02 1.35
CA LEU D 47 -57.73 31.62 1.04
C LEU D 47 -57.56 31.88 -0.45
N GLY D 48 -58.27 31.16 -1.29
CA GLY D 48 -58.14 31.33 -2.72
C GLY D 48 -56.99 30.54 -3.29
N LYS D 49 -56.80 30.70 -4.60
CA LYS D 49 -55.78 29.96 -5.34
C LYS D 49 -54.97 30.91 -6.21
N VAL D 50 -54.51 32.03 -5.63
CA VAL D 50 -53.62 32.97 -6.29
C VAL D 50 -52.47 33.22 -5.33
N GLY D 51 -51.31 32.64 -5.63
CA GLY D 51 -50.17 32.71 -4.76
C GLY D 51 -49.59 34.12 -4.64
N PRO D 52 -49.30 34.55 -3.42
CA PRO D 52 -48.57 35.80 -3.24
C PRO D 52 -47.15 35.69 -3.76
N ALA D 53 -46.63 36.82 -4.24
CA ALA D 53 -45.31 36.86 -4.86
C ALA D 53 -44.24 37.22 -3.83
N ILE D 54 -43.12 36.49 -3.89
CA ILE D 54 -42.01 36.66 -2.95
C ILE D 54 -40.71 36.80 -3.73
N THR D 55 -39.86 37.73 -3.30
CA THR D 55 -38.52 37.90 -3.85
C THR D 55 -37.53 37.92 -2.70
N LEU D 56 -36.45 37.16 -2.83
CA LEU D 56 -35.39 37.14 -1.83
C LEU D 56 -34.47 38.33 -2.09
N LYS D 57 -34.53 39.34 -1.23
CA LYS D 57 -33.67 40.50 -1.40
C LYS D 57 -32.28 40.25 -0.80
N GLU D 58 -32.23 39.77 0.45
CA GLU D 58 -30.95 39.46 1.08
C GLU D 58 -31.10 38.18 1.90
N ILE D 59 -29.99 37.72 2.46
CA ILE D 59 -29.96 36.55 3.32
C ILE D 59 -28.73 36.64 4.23
N THR D 60 -28.95 36.86 5.52
CA THR D 60 -27.87 37.07 6.47
C THR D 60 -28.11 36.22 7.71
N ASP D 61 -27.18 36.31 8.66
CA ASP D 61 -27.38 35.67 9.95
C ASP D 61 -28.57 36.30 10.66
N PRO D 62 -29.26 35.55 11.52
CA PRO D 62 -30.42 36.11 12.23
C PRO D 62 -30.02 37.23 13.17
N LEU D 63 -31.02 38.04 13.52
CA LEU D 63 -30.80 39.19 14.39
C LEU D 63 -30.79 38.77 15.86
N ASP D 64 -30.37 39.70 16.71
CA ASP D 64 -30.10 39.40 18.12
C ASP D 64 -31.34 39.27 18.97
N GLU D 65 -32.55 39.34 18.40
CA GLU D 65 -33.78 39.20 19.16
C GLU D 65 -34.35 37.79 19.16
N PHE D 66 -34.10 37.04 18.08
CA PHE D 66 -34.59 35.66 18.01
C PHE D 66 -33.98 34.81 19.10
N TYR D 67 -32.66 34.94 19.31
CA TYR D 67 -32.01 34.21 20.39
C TYR D 67 -32.61 34.57 21.75
N ASP D 68 -32.98 35.85 21.93
CA ASP D 68 -33.70 36.24 23.14
C ASP D 68 -35.01 35.47 23.27
N SER D 69 -35.75 35.37 22.16
CA SER D 69 -36.98 34.58 22.19
C SER D 69 -36.71 33.12 22.55
N ILE D 70 -35.55 32.58 22.16
CA ILE D 70 -35.20 31.21 22.52
C ILE D 70 -34.95 31.10 24.02
N ARG D 71 -33.93 31.80 24.51
CA ARG D 71 -33.51 31.69 25.90
C ARG D 71 -34.61 32.09 26.88
N GLU D 72 -35.56 32.93 26.44
CA GLU D 72 -36.68 33.31 27.29
C GLU D 72 -37.67 32.17 27.43
N GLU D 73 -38.34 31.82 26.33
CA GLU D 73 -39.38 30.79 26.36
C GLU D 73 -38.83 29.44 25.89
N PRO D 80 -26.78 28.10 17.12
CA PRO D 80 -25.53 28.29 16.38
C PRO D 80 -25.62 27.78 14.94
N ASN D 81 -25.00 28.52 14.02
CA ASN D 81 -25.02 28.22 12.58
C ASN D 81 -26.46 28.09 12.09
N ASP D 82 -27.18 29.21 12.16
CA ASP D 82 -28.56 29.34 11.71
C ASP D 82 -28.59 30.17 10.44
N ILE D 83 -29.76 30.66 10.04
CA ILE D 83 -29.84 31.53 8.87
C ILE D 83 -31.14 32.31 8.92
N GLN D 84 -31.13 33.52 8.37
CA GLN D 84 -32.31 34.34 8.20
C GLN D 84 -32.36 34.92 6.79
N PHE D 85 -33.56 35.05 6.26
CA PHE D 85 -33.79 35.58 4.92
C PHE D 85 -34.53 36.90 5.01
N LEU D 86 -34.07 37.87 4.21
CA LEU D 86 -34.78 39.12 3.96
C LEU D 86 -35.50 38.99 2.63
N LEU D 87 -36.82 38.88 2.69
CA LEU D 87 -37.68 38.66 1.55
C LEU D 87 -38.63 39.83 1.37
N GLU D 88 -39.23 39.90 0.18
CA GLU D 88 -40.17 40.96 -0.17
C GLU D 88 -41.51 40.31 -0.51
N VAL D 89 -42.54 40.59 0.29
CA VAL D 89 -43.81 39.88 0.23
C VAL D 89 -44.87 40.79 -0.39
N GLU D 90 -45.58 40.26 -1.39
CA GLU D 90 -46.62 40.96 -2.13
C GLU D 90 -47.80 40.02 -2.34
N TYR D 91 -48.98 40.42 -1.87
CA TYR D 91 -50.23 39.67 -2.03
C TYR D 91 -51.25 40.58 -2.70
N LYS D 92 -51.58 40.28 -3.96
CA LYS D 92 -52.68 40.93 -4.66
C LYS D 92 -53.74 39.91 -5.07
N GLY D 93 -53.70 38.71 -4.50
CA GLY D 93 -54.55 37.62 -4.94
C GLY D 93 -56.00 37.70 -4.52
N ASP D 94 -56.54 36.58 -4.07
CA ASP D 94 -57.99 36.37 -4.02
C ASP D 94 -58.44 35.83 -2.67
N LEU D 95 -57.82 36.31 -1.59
CA LEU D 95 -58.29 35.93 -0.26
C LEU D 95 -59.66 36.57 0.00
N LEU D 96 -60.64 35.75 0.36
CA LEU D 96 -62.00 36.23 0.60
C LEU D 96 -62.46 35.82 1.99
N VAL D 97 -63.02 36.76 2.73
CA VAL D 97 -63.65 36.50 4.02
C VAL D 97 -65.08 37.02 3.98
N THR D 98 -66.00 36.26 4.56
CA THR D 98 -67.38 36.68 4.72
C THR D 98 -67.73 36.62 6.20
N ILE D 99 -68.15 37.76 6.75
CA ILE D 99 -68.32 37.95 8.19
C ILE D 99 -69.79 38.27 8.45
N GLY D 100 -70.46 37.40 9.20
CA GLY D 100 -71.82 37.69 9.62
C GLY D 100 -71.85 38.62 10.81
N ALA D 101 -72.88 39.46 10.85
CA ALA D 101 -72.97 40.46 11.90
C ALA D 101 -74.42 40.92 12.06
N ASP D 102 -74.86 41.06 13.30
CA ASP D 102 -76.14 41.66 13.63
C ASP D 102 -75.91 43.13 13.97
N LEU D 103 -76.68 44.01 13.34
CA LEU D 103 -76.45 45.46 13.40
C LEU D 103 -77.60 46.12 14.15
N VAL D 104 -77.33 46.60 15.36
CA VAL D 104 -78.31 47.36 16.11
C VAL D 104 -78.44 48.74 15.47
N LEU D 105 -79.52 48.95 14.73
CA LEU D 105 -79.77 50.19 14.01
C LEU D 105 -80.65 51.09 14.85
N ASN D 106 -80.26 52.37 14.97
CA ASN D 106 -80.83 53.24 15.99
C ASN D 106 -81.06 54.67 15.49
N TYR D 107 -81.34 54.85 14.20
CA TYR D 107 -81.55 56.22 13.70
C TYR D 107 -82.79 56.87 14.28
N PRO D 108 -84.00 56.27 14.21
CA PRO D 108 -85.17 56.94 14.81
C PRO D 108 -85.09 57.00 16.33
N VAL D 109 -84.92 55.83 16.96
CA VAL D 109 -84.74 55.74 18.41
C VAL D 109 -83.72 54.65 18.69
N GLU D 110 -83.32 54.56 19.96
CA GLU D 110 -82.37 53.53 20.36
C GLU D 110 -83.02 52.16 20.33
N LYS D 111 -82.21 51.15 19.99
CA LYS D 111 -82.68 49.76 19.86
C LYS D 111 -83.85 49.66 18.88
N PHE D 112 -83.85 50.53 17.87
CA PHE D 112 -84.94 50.55 16.91
C PHE D 112 -85.06 49.21 16.19
N MET D 113 -83.95 48.72 15.64
CA MET D 113 -83.98 47.47 14.91
C MET D 113 -82.70 46.69 15.15
N THR D 114 -82.78 45.38 14.89
CA THR D 114 -81.63 44.49 14.86
C THR D 114 -81.58 43.86 13.48
N LEU D 115 -80.50 44.11 12.75
CA LEU D 115 -80.46 43.77 11.34
C LEU D 115 -79.55 42.58 11.08
N PRO D 116 -79.96 41.66 10.19
CA PRO D 116 -79.04 40.63 9.69
C PRO D 116 -78.15 41.21 8.60
N VAL D 117 -76.84 41.08 8.79
CA VAL D 117 -75.85 41.75 7.94
C VAL D 117 -74.76 40.74 7.58
N LYS D 118 -74.25 40.82 6.35
CA LYS D 118 -73.12 39.99 5.94
C LYS D 118 -72.12 40.84 5.17
N LEU D 119 -70.90 40.93 5.67
CA LEU D 119 -69.85 41.74 5.07
C LEU D 119 -68.88 40.85 4.30
N SER D 120 -68.30 41.40 3.23
CA SER D 120 -67.35 40.69 2.40
C SER D 120 -66.06 41.48 2.35
N ILE D 121 -65.00 40.91 2.93
CA ILE D 121 -63.64 41.42 2.80
C ILE D 121 -63.01 40.70 1.62
N SER D 122 -62.61 41.46 0.59
CA SER D 122 -62.14 40.87 -0.65
C SER D 122 -61.08 41.79 -1.27
N ASP D 123 -60.50 41.31 -2.39
CA ASP D 123 -59.47 42.05 -3.13
C ASP D 123 -58.36 42.55 -2.21
N ILE D 124 -58.02 41.74 -1.20
CA ILE D 124 -57.06 42.18 -0.19
C ILE D 124 -55.69 42.34 -0.83
N GLY D 125 -55.19 43.56 -0.83
CA GLY D 125 -53.81 43.83 -1.21
C GLY D 125 -52.95 43.97 0.04
N LEU D 126 -51.67 43.62 -0.11
CA LEU D 126 -50.76 43.58 1.03
C LEU D 126 -49.34 43.65 0.49
N HIS D 127 -48.53 44.55 1.06
CA HIS D 127 -47.17 44.79 0.60
C HIS D 127 -46.28 45.07 1.80
N SER D 128 -45.16 44.34 1.91
CA SER D 128 -44.22 44.64 2.98
C SER D 128 -42.94 43.86 2.74
N LEU D 129 -41.94 44.15 3.56
CA LEU D 129 -40.73 43.34 3.67
C LEU D 129 -40.86 42.40 4.86
N CYS D 130 -40.12 41.30 4.80
CA CYS D 130 -40.23 40.26 5.81
C CYS D 130 -38.87 39.64 6.07
N ILE D 131 -38.69 39.13 7.29
CA ILE D 131 -37.53 38.31 7.61
C ILE D 131 -38.02 37.00 8.20
N VAL D 132 -37.39 35.91 7.76
CA VAL D 132 -37.73 34.56 8.19
C VAL D 132 -36.44 33.91 8.65
N ALA D 133 -36.35 33.61 9.95
CA ALA D 133 -35.13 33.09 10.53
C ALA D 133 -35.37 31.66 11.00
N CYS D 134 -34.65 30.71 10.41
CA CYS D 134 -34.67 29.34 10.87
C CYS D 134 -33.35 29.01 11.55
N LEU D 135 -33.45 28.34 12.69
CA LEU D 135 -32.34 28.14 13.62
C LEU D 135 -32.09 26.66 13.86
N SER D 136 -32.15 25.87 12.80
CA SER D 136 -32.01 24.41 12.84
C SER D 136 -32.87 23.76 13.92
N LYS D 137 -34.19 23.71 13.70
CA LYS D 137 -34.82 24.26 12.52
C LYS D 137 -36.00 25.13 12.94
N GLN D 138 -35.89 25.73 14.13
CA GLN D 138 -36.96 26.58 14.65
C GLN D 138 -37.18 27.75 13.70
N LEU D 139 -38.42 27.89 13.23
CA LEU D 139 -38.79 28.86 12.22
C LEU D 139 -39.47 30.06 12.88
N PHE D 140 -39.02 31.26 12.51
CA PHE D 140 -39.56 32.50 13.06
C PHE D 140 -39.86 33.49 11.95
N LEU D 141 -40.97 34.21 12.09
CA LEU D 141 -41.48 35.10 11.06
C LEU D 141 -41.65 36.50 11.62
N SER D 142 -41.22 37.52 10.86
CA SER D 142 -41.49 38.88 11.27
C SER D 142 -41.59 39.79 10.06
N PHE D 143 -42.30 40.89 10.23
CA PHE D 143 -42.61 41.83 9.16
C PHE D 143 -41.97 43.18 9.47
N LEU D 144 -41.62 43.91 8.42
CA LEU D 144 -40.77 45.09 8.54
C LEU D 144 -41.51 46.41 8.44
N CYS D 145 -42.41 46.55 7.45
CA CYS D 145 -43.06 47.84 7.24
C CYS D 145 -43.87 48.24 8.47
N ASP D 146 -44.18 49.54 8.55
CA ASP D 146 -44.58 50.18 9.80
C ASP D 146 -45.80 49.54 10.45
N GLY D 147 -46.61 48.81 9.69
CA GLY D 147 -47.78 48.15 10.25
C GLY D 147 -49.06 48.92 9.95
N GLY D 148 -50.18 48.22 10.17
CA GLY D 148 -51.48 48.80 9.90
C GLY D 148 -51.65 49.15 8.44
N SER D 149 -51.12 50.32 8.05
CA SER D 149 -51.16 50.75 6.66
C SER D 149 -50.49 49.76 5.71
N ILE D 150 -49.83 48.73 6.24
CA ILE D 150 -49.29 47.68 5.38
C ILE D 150 -50.43 46.97 4.64
N VAL D 151 -51.57 46.79 5.31
CA VAL D 151 -52.73 46.17 4.66
C VAL D 151 -53.50 47.29 3.95
N ARG D 152 -52.94 47.78 2.85
CA ARG D 152 -53.43 49.01 2.24
C ARG D 152 -54.72 48.81 1.46
N SER D 153 -54.90 47.66 0.82
CA SER D 153 -56.00 47.42 -0.10
C SER D 153 -57.00 46.46 0.52
N MET D 154 -58.28 46.85 0.48
CA MET D 154 -59.36 46.04 1.04
C MET D 154 -60.68 46.52 0.47
N LYS D 155 -61.45 45.60 -0.09
CA LYS D 155 -62.76 45.90 -0.65
C LYS D 155 -63.78 45.17 0.23
N ILE D 156 -64.38 45.90 1.16
CA ILE D 156 -65.37 45.37 2.09
C ILE D 156 -66.73 45.88 1.62
N GLU D 157 -67.54 45.00 1.06
CA GLU D 157 -68.89 45.37 0.63
C GLU D 157 -69.92 44.62 1.46
N THR D 158 -71.00 45.32 1.80
CA THR D 158 -71.94 44.87 2.81
C THR D 158 -73.29 44.53 2.18
N GLU D 159 -73.83 43.38 2.56
CA GLU D 159 -75.17 42.96 2.14
C GLU D 159 -76.10 43.04 3.34
N ILE D 160 -77.18 43.80 3.18
CA ILE D 160 -78.25 43.93 4.18
C ILE D 160 -79.54 43.43 3.54
N GLY D 161 -80.67 43.68 4.21
CA GLY D 161 -81.95 43.29 3.67
C GLY D 161 -82.41 44.23 2.56
N GLU D 162 -83.22 43.68 1.65
CA GLU D 162 -83.77 44.48 0.56
C GLU D 162 -84.67 45.59 1.07
N GLN D 163 -85.36 45.34 2.19
CA GLN D 163 -86.31 46.31 2.73
C GLN D 163 -85.63 47.53 3.34
N TYR D 164 -84.32 47.44 3.62
CA TYR D 164 -83.59 48.54 4.24
C TYR D 164 -82.49 49.08 3.35
N GLN D 165 -82.49 48.74 2.06
CA GLN D 165 -81.39 49.15 1.19
C GLN D 165 -81.41 50.65 0.90
N GLY D 166 -82.59 51.25 0.82
CA GLY D 166 -82.71 52.63 0.43
C GLY D 166 -82.52 53.66 1.54
N GLN D 167 -82.31 53.23 2.77
CA GLN D 167 -82.17 54.13 3.90
C GLN D 167 -80.70 54.50 4.07
N GLY D 168 -80.37 55.78 3.85
CA GLY D 168 -79.05 56.25 4.18
C GLY D 168 -78.75 56.18 5.66
N SER D 169 -79.79 56.26 6.49
CA SER D 169 -79.63 56.13 7.94
C SER D 169 -79.10 54.74 8.30
N VAL D 170 -79.56 53.71 7.59
CA VAL D 170 -79.02 52.37 7.78
C VAL D 170 -77.59 52.30 7.27
N LEU D 171 -77.35 52.86 6.09
CA LEU D 171 -76.04 52.78 5.46
C LEU D 171 -74.96 53.53 6.26
N ARG D 172 -75.36 54.48 7.11
CA ARG D 172 -74.39 55.12 8.00
C ARG D 172 -73.85 54.12 9.02
N SER D 173 -74.75 53.41 9.71
CA SER D 173 -74.33 52.37 10.64
C SER D 173 -73.55 51.29 9.90
N VAL D 174 -73.98 50.94 8.68
CA VAL D 174 -73.24 49.99 7.86
C VAL D 174 -71.79 50.45 7.68
N GLY D 175 -71.61 51.73 7.33
CA GLY D 175 -70.27 52.24 7.14
C GLY D 175 -69.44 52.23 8.41
N GLU D 176 -70.06 52.62 9.54
CA GLU D 176 -69.33 52.61 10.81
C GLU D 176 -68.85 51.20 11.15
N LEU D 177 -69.71 50.20 10.97
CA LEU D 177 -69.28 48.82 11.17
C LEU D 177 -68.17 48.43 10.20
N GLU D 178 -68.27 48.88 8.95
CA GLU D 178 -67.27 48.52 7.95
C GLU D 178 -65.88 49.04 8.35
N GLN D 179 -65.78 50.34 8.63
CA GLN D 179 -64.47 50.92 8.93
C GLN D 179 -64.00 50.57 10.33
N PHE D 180 -64.90 50.21 11.26
CA PHE D 180 -64.44 49.62 12.50
C PHE D 180 -63.79 48.27 12.24
N LEU D 181 -64.43 47.44 11.40
CA LEU D 181 -63.84 46.16 11.00
C LEU D 181 -62.50 46.37 10.32
N PHE D 182 -62.38 47.43 9.52
CA PHE D 182 -61.09 47.80 8.93
C PHE D 182 -60.08 48.12 10.01
N THR D 183 -60.49 48.91 11.01
CA THR D 183 -59.58 49.35 12.05
C THR D 183 -59.06 48.18 12.88
N ILE D 184 -59.94 47.24 13.23
CA ILE D 184 -59.50 46.09 13.99
C ILE D 184 -58.80 45.07 13.11
N PHE D 185 -59.00 45.12 11.79
CA PHE D 185 -58.23 44.30 10.87
C PHE D 185 -56.77 44.73 10.88
N LYS D 186 -56.53 46.01 10.57
CA LYS D 186 -55.18 46.55 10.62
C LYS D 186 -54.58 46.45 12.02
N ASP D 187 -55.41 46.61 13.05
CA ASP D 187 -54.94 46.46 14.41
C ASP D 187 -54.49 45.02 14.67
N PHE D 188 -55.25 44.04 14.18
CA PHE D 188 -54.86 42.64 14.31
C PHE D 188 -53.51 42.39 13.66
N LEU D 189 -53.37 42.76 12.40
CA LEU D 189 -52.13 42.42 11.70
C LEU D 189 -50.94 43.20 12.26
N ARG D 190 -51.14 44.45 12.65
CA ARG D 190 -50.04 45.25 13.19
C ARG D 190 -49.61 44.76 14.57
N LYS D 191 -50.56 44.35 15.41
CA LYS D 191 -50.20 43.84 16.73
C LYS D 191 -49.61 42.43 16.65
N GLU D 192 -50.07 41.62 15.70
CA GLU D 192 -49.59 40.25 15.60
C GLU D 192 -48.22 40.16 14.95
N LEU D 193 -47.98 40.91 13.88
CA LEU D 193 -46.83 40.63 13.02
C LEU D 193 -45.83 41.77 12.85
N ALA D 194 -46.21 43.02 13.09
CA ALA D 194 -45.30 44.12 12.79
C ALA D 194 -44.10 44.13 13.73
N TRP D 195 -42.99 44.65 13.23
CA TRP D 195 -41.77 44.79 14.02
C TRP D 195 -42.05 45.70 15.21
N PRO D 196 -41.54 45.34 16.40
CA PRO D 196 -40.64 44.20 16.68
C PRO D 196 -41.32 42.83 16.71
N SER D 197 -42.61 42.78 17.01
CA SER D 197 -43.31 41.53 17.29
C SER D 197 -43.07 40.50 16.19
N TRP D 198 -42.93 39.24 16.59
CA TRP D 198 -42.63 38.16 15.68
C TRP D 198 -43.31 36.89 16.16
N ILE D 199 -43.51 35.94 15.24
CA ILE D 199 -44.34 34.77 15.47
C ILE D 199 -43.52 33.50 15.28
N ASN D 200 -43.78 32.51 16.13
CA ASN D 200 -43.17 31.18 16.08
C ASN D 200 -44.17 30.15 15.56
N LEU D 201 -43.64 29.09 14.97
CA LEU D 201 -44.39 27.96 14.43
C LEU D 201 -45.37 28.44 13.35
N ASP D 202 -44.97 28.34 12.09
CA ASP D 202 -45.74 28.88 10.99
C ASP D 202 -46.59 27.81 10.31
#